data_1Z6J
#
_entry.id   1Z6J
#
_cell.length_a   69.652
_cell.length_b   81.137
_cell.length_c   125.577
_cell.angle_alpha   90.00
_cell.angle_beta   90.00
_cell.angle_gamma   90.00
#
_symmetry.space_group_name_H-M   'P 21 21 21'
#
loop_
_entity.id
_entity.type
_entity.pdbx_description
1 polymer 'Coagulation factor VII'
2 polymer 'Coagulation factor VII'
3 polymer 'Tissue factor'
4 non-polymer 'CALCIUM ION'
5 non-polymer 'MAGNESIUM ION'
6 non-polymer 5-[AMINO(IMINO)METHYL]-2-[({[6-[3-AMINO-5-({[(1R)-1-METHYLPROPYL]AMINO}CARBONYL)PHENYL]-3-(ISOPROPYLAMINO)-2-OXOPYRAZIN-1(2H)-YL]ACETYL}AMINO)METHYL]-N-PYRIDIN-4-YLBENZAMIDE
7 water water
#
loop_
_entity_poly.entity_id
_entity_poly.type
_entity_poly.pdbx_seq_one_letter_code
_entity_poly.pdbx_strand_id
1 'polypeptide(L)'
;ANAFL(CGU)(CGU)LRPGSL(CGU)R(CGU)CK(CGU)(CGU)QCSF(CGU)(CGU)AR(CGU)IFKDA(CGU)RTKLF
WISYSDGDQCASSPCQNGGSCKDQLQSYICFCLPAFEGRNCETHKDDQLICVNENGGCEQYCSDHTGTKRSCRCHEGYSL
LADGVSCTPTVEYPCGKIPILE
;
L
2 'polypeptide(L)'
;IVGGKVCPKGECPWQVLLLVNGAQLCGGTLINTIWVVSAAHCFDKIKNWRNLIAVLGEHDLSEHDGDEQSRRVAQVIIPS
TYVPGTTNHDIALLRLHQPVVLTDHVVPLCLPERTFSERTLAFVRFSLVSGWGQLLDRGATALELMVLNVPRLMTQDCLQ
QSRKVGDSPNITEYMFCAGYSDGSKDSCKGDSGGPHATHYRGTWYLTGIVSWGQGCATVGHFGVYTRVSQYIEWLQKLMR
SEPRPGVLLRAPFP
;
H
3 'polypeptide(L)'
;SGTTNTVAAYNLTWKSTNFKTILEWEPKPVNQVYTVQISTKSGDWKSKCFYTTDTECDLTDEIVKDVKQTYLARVFSYPA
GNVESTGSAGEPLYENSPEFTPYLETNLGQPTIQSFEQVGTKVNVTVEDERTLVRRNNTFLSLRDVFGKDLIYTLYYWKS
SSSGKKTAKTNTNEFLIDVDKGENYCFSVQAVIPSRTVNRKSTDSPVECMG
;
T
#
loop_
_chem_comp.id
_chem_comp.type
_chem_comp.name
_chem_comp.formula
CA non-polymer 'CALCIUM ION' 'Ca 2'
MG non-polymer 'MAGNESIUM ION' 'Mg 2'
PY3 non-polymer 5-[AMINO(IMINO)METHYL]-2-[({[6-[3-AMINO-5-({[(1R)-1-METHYLPROPYL]AMINO}CARBONYL)PHENYL]-3-(ISOPROPYLAMINO)-2-OXOPYRAZIN-1(2H)-YL]ACETYL}AMINO)METHYL]-N-PYRIDIN-4-YLBENZAMIDE 'C34 H40 N10 O4'
#
# COMPACT_ATOMS: atom_id res chain seq x y z
N ALA A 1 6.64 23.51 -47.68
CA ALA A 1 5.96 24.08 -48.89
C ALA A 1 6.96 24.54 -49.95
N ASN A 2 7.04 23.77 -51.04
CA ASN A 2 7.95 24.08 -52.14
C ASN A 2 7.19 24.44 -53.43
N ALA A 3 7.09 25.74 -53.70
CA ALA A 3 6.39 26.22 -54.90
C ALA A 3 7.24 27.21 -55.72
N PHE A 4 7.78 26.70 -56.82
CA PHE A 4 8.62 27.45 -57.76
C PHE A 4 8.71 28.96 -57.53
N LEU A 5 9.91 29.41 -57.12
CA LEU A 5 10.24 30.81 -56.83
C LEU A 5 10.70 30.93 -55.38
N CGU A 6 9.99 30.24 -54.50
CA CGU A 6 10.31 30.23 -53.07
C CGU A 6 11.62 29.46 -52.93
O CGU A 6 12.46 29.76 -52.10
CB CGU A 6 9.21 29.51 -52.30
CG CGU A 6 7.91 30.16 -51.82
CD1 CGU A 6 7.13 29.18 -50.94
CD2 CGU A 6 8.21 31.41 -50.99
OE11 CGU A 6 6.73 28.11 -51.45
OE12 CGU A 6 6.95 29.49 -49.74
OE21 CGU A 6 9.10 31.32 -50.11
OE22 CGU A 6 7.56 32.44 -51.24
N CGU A 7 11.73 28.45 -53.80
CA CGU A 7 12.87 27.56 -53.86
C CGU A 7 14.15 28.28 -54.32
O CGU A 7 15.24 27.73 -54.23
CB CGU A 7 12.56 26.40 -54.80
CG CGU A 7 11.12 25.90 -54.63
CD1 CGU A 7 10.79 24.85 -55.68
CD2 CGU A 7 10.95 25.29 -53.24
OE11 CGU A 7 11.30 24.99 -56.81
OE12 CGU A 7 10.01 23.93 -55.37
OE21 CGU A 7 11.61 24.26 -52.95
OE22 CGU A 7 10.15 25.84 -52.44
N LEU A 8 13.99 29.50 -54.83
CA LEU A 8 15.14 30.27 -55.28
C LEU A 8 15.90 30.72 -54.05
N ARG A 9 15.13 30.97 -52.99
CA ARG A 9 15.67 31.41 -51.71
C ARG A 9 16.57 30.32 -51.14
N PRO A 10 17.70 30.72 -50.53
CA PRO A 10 18.67 29.79 -49.94
C PRO A 10 18.10 28.90 -48.83
N GLY A 11 18.58 27.66 -48.79
CA GLY A 11 18.10 26.73 -47.78
C GLY A 11 18.16 27.27 -46.36
N SER A 12 16.99 27.38 -45.74
CA SER A 12 16.89 27.87 -44.37
C SER A 12 16.01 26.94 -43.54
N LEU A 13 16.57 26.39 -42.48
CA LEU A 13 15.82 25.48 -41.61
C LEU A 13 14.54 26.16 -41.13
N CGU A 14 14.69 27.36 -40.59
CA CGU A 14 13.58 28.14 -40.07
C CGU A 14 12.43 28.33 -41.08
O CGU A 14 11.27 28.09 -40.76
CB CGU A 14 14.08 29.52 -39.66
CG CGU A 14 13.68 30.17 -38.33
CD1 CGU A 14 13.56 31.68 -38.52
CD2 CGU A 14 12.34 29.62 -37.83
OE11 CGU A 14 14.55 32.27 -38.97
OE12 CGU A 14 12.48 32.23 -38.22
OE21 CGU A 14 11.29 30.05 -38.34
OE22 CGU A 14 12.38 28.76 -36.92
N ARG A 15 12.76 28.75 -42.30
CA ARG A 15 11.76 28.97 -43.33
C ARG A 15 11.17 27.72 -44.01
N CGU A 16 11.99 26.69 -44.17
CA CGU A 16 11.55 25.45 -44.80
C CGU A 16 11.00 24.42 -43.79
O CGU A 16 10.31 23.47 -44.18
CB CGU A 16 12.72 24.82 -45.56
CG CGU A 16 12.56 24.47 -47.05
CD1 CGU A 16 11.77 25.54 -47.78
CD2 CGU A 16 13.93 24.34 -47.71
OE11 CGU A 16 10.80 25.16 -48.47
OE12 CGU A 16 12.13 26.72 -47.67
OE21 CGU A 16 13.99 23.67 -48.75
OE22 CGU A 16 14.91 24.91 -47.17
N CYS A 17 11.28 24.61 -42.51
CA CYS A 17 10.80 23.66 -41.50
C CYS A 17 9.90 24.22 -40.40
N LYS A 18 10.30 25.33 -39.81
CA LYS A 18 9.51 25.93 -38.73
C LYS A 18 8.32 26.75 -39.21
N CGU A 19 8.35 27.17 -40.47
CA CGU A 19 7.24 27.95 -41.00
C CGU A 19 6.51 27.26 -42.16
O CGU A 19 5.35 27.57 -42.42
CB CGU A 19 7.76 29.31 -41.50
CG CGU A 19 8.68 30.13 -40.59
CD1 CGU A 19 9.40 31.19 -41.41
CD2 CGU A 19 7.86 30.83 -39.51
OE11 CGU A 19 9.21 31.22 -42.65
OE12 CGU A 19 10.16 31.99 -40.82
OE21 CGU A 19 8.14 32.02 -39.23
OE22 CGU A 19 6.95 30.18 -38.95
N CGU A 20 7.16 26.30 -42.82
CA CGU A 20 6.48 25.63 -43.93
C CGU A 20 6.43 24.10 -43.86
O CGU A 20 5.95 23.46 -44.79
CB CGU A 20 7.17 26.02 -45.24
CG CGU A 20 7.02 27.50 -45.61
CD1 CGU A 20 7.77 27.80 -46.91
CD2 CGU A 20 5.56 27.86 -45.82
OE11 CGU A 20 8.14 26.84 -47.62
OE12 CGU A 20 7.97 29.00 -47.20
OE21 CGU A 20 5.15 28.96 -45.37
OE22 CGU A 20 4.82 27.04 -46.42
N GLN A 21 6.92 23.50 -42.77
CA GLN A 21 6.91 22.04 -42.62
C GLN A 21 7.70 21.31 -43.71
N CYS A 22 8.85 20.76 -43.32
CA CYS A 22 9.71 20.05 -44.25
C CYS A 22 9.61 18.54 -44.16
N SER A 23 10.17 17.88 -45.17
CA SER A 23 10.17 16.42 -45.26
C SER A 23 11.58 15.93 -44.96
N PHE A 24 11.76 14.63 -44.79
CA PHE A 24 13.08 14.10 -44.51
C PHE A 24 13.82 13.95 -45.85
N CGU A 25 14.78 14.85 -46.03
CA CGU A 25 15.67 14.99 -47.19
C CGU A 25 15.86 16.48 -47.29
O CGU A 25 16.98 16.98 -47.37
CB CGU A 25 15.08 14.42 -48.49
CG CGU A 25 16.07 13.68 -49.43
CD1 CGU A 25 16.02 14.23 -50.86
CD2 CGU A 25 17.51 13.82 -48.93
OE11 CGU A 25 17.08 14.29 -51.52
OE12 CGU A 25 14.91 14.59 -51.31
OE21 CGU A 25 17.90 13.03 -48.05
OE22 CGU A 25 18.23 14.71 -49.44
N CGU A 26 14.73 17.18 -47.26
CA CGU A 26 14.73 18.63 -47.34
C CGU A 26 15.47 19.08 -46.09
O CGU A 26 16.29 20.00 -46.12
CB CGU A 26 13.30 19.17 -47.38
CG CGU A 26 13.15 20.58 -47.94
CD1 CGU A 26 13.51 20.63 -49.43
CD2 CGU A 26 11.71 21.07 -47.77
OE11 CGU A 26 13.51 21.74 -50.00
OE12 CGU A 26 13.80 19.56 -50.00
OE21 CGU A 26 10.89 20.33 -47.19
OE22 CGU A 26 11.42 22.20 -48.23
N ALA A 27 15.17 18.40 -44.98
CA ALA A 27 15.78 18.70 -43.70
C ALA A 27 17.23 18.18 -43.72
N ARG A 28 17.43 16.99 -44.27
CA ARG A 28 18.77 16.41 -44.34
C ARG A 28 19.70 17.19 -45.26
N CGU A 29 19.15 17.77 -46.31
CA CGU A 29 19.93 18.55 -47.27
C CGU A 29 20.47 19.76 -46.51
O CGU A 29 21.62 20.18 -46.70
CB CGU A 29 19.03 19.00 -48.41
CG CGU A 29 19.24 18.77 -49.92
CD1 CGU A 29 20.34 17.75 -50.25
CD2 CGU A 29 17.90 18.35 -50.52
OE11 CGU A 29 20.05 16.68 -50.84
OE12 CGU A 29 21.51 18.07 -49.96
OE21 CGU A 29 17.73 17.17 -50.90
OE22 CGU A 29 17.01 19.23 -50.59
N ILE A 30 19.63 20.28 -45.61
CA ILE A 30 19.96 21.44 -44.79
C ILE A 30 20.98 21.09 -43.71
N PHE A 31 20.85 19.90 -43.11
CA PHE A 31 21.78 19.46 -42.06
C PHE A 31 23.03 18.77 -42.62
N LYS A 32 22.87 18.07 -43.73
CA LYS A 32 23.93 17.34 -44.42
C LYS A 32 24.31 16.02 -43.73
N ASP A 33 24.35 16.03 -42.41
CA ASP A 33 24.68 14.84 -41.62
C ASP A 33 23.41 14.05 -41.34
N ALA A 34 23.44 12.75 -41.60
CA ALA A 34 22.28 11.90 -41.37
C ALA A 34 21.89 11.79 -39.89
N CGU A 35 22.89 11.61 -39.02
CA CGU A 35 22.62 11.49 -37.58
C CGU A 35 22.10 12.83 -37.06
O CGU A 35 21.33 12.87 -36.10
CB CGU A 35 23.87 11.08 -36.78
CG CGU A 35 25.22 10.67 -37.41
CD1 CGU A 35 26.05 9.87 -36.40
CD2 CGU A 35 24.99 9.82 -38.66
OE11 CGU A 35 26.22 10.34 -35.25
OE12 CGU A 35 26.55 8.78 -36.78
OE21 CGU A 35 24.02 9.03 -38.65
OE22 CGU A 35 25.78 9.97 -39.61
N ARG A 36 22.54 13.92 -37.70
CA ARG A 36 22.11 15.26 -37.29
C ARG A 36 20.63 15.42 -37.65
N THR A 37 20.29 14.99 -38.86
CA THR A 37 18.92 15.07 -39.34
C THR A 37 17.99 14.21 -38.48
N LYS A 38 18.44 13.01 -38.12
CA LYS A 38 17.64 12.11 -37.29
C LYS A 38 17.31 12.93 -36.05
N LEU A 39 18.35 13.22 -35.29
CA LEU A 39 18.26 14.00 -34.06
C LEU A 39 17.15 15.05 -34.16
N PHE A 40 17.16 15.80 -35.25
CA PHE A 40 16.16 16.84 -35.47
C PHE A 40 14.78 16.23 -35.73
N TRP A 41 14.76 15.22 -36.60
CA TRP A 41 13.54 14.52 -36.99
C TRP A 41 12.75 13.80 -35.88
N ILE A 42 13.45 13.24 -34.89
CA ILE A 42 12.76 12.53 -33.82
C ILE A 42 11.64 13.35 -33.18
N SER A 43 11.93 14.60 -32.81
CA SER A 43 10.93 15.47 -32.19
C SER A 43 10.01 16.13 -33.22
N TYR A 44 10.61 16.85 -34.16
CA TYR A 44 9.87 17.55 -35.20
C TYR A 44 8.78 16.69 -35.81
N SER A 45 9.13 15.46 -36.17
CA SER A 45 8.19 14.53 -36.77
C SER A 45 7.47 13.62 -35.78
N ASP A 46 7.42 14.02 -34.51
CA ASP A 46 6.76 13.23 -33.49
C ASP A 46 5.28 13.58 -33.31
N GLY A 47 4.96 14.86 -33.43
CA GLY A 47 3.58 15.28 -33.28
C GLY A 47 3.31 15.81 -31.88
N ASP A 48 2.44 16.82 -31.80
CA ASP A 48 2.07 17.45 -30.53
C ASP A 48 0.80 16.78 -29.96
N GLN A 49 0.99 15.70 -29.21
CA GLN A 49 -0.14 14.99 -28.61
C GLN A 49 -1.02 15.87 -27.76
N CYS A 50 -0.47 16.99 -27.28
CA CYS A 50 -1.24 17.91 -26.44
C CYS A 50 -2.24 18.71 -27.28
N ALA A 51 -2.26 18.45 -28.58
CA ALA A 51 -3.17 19.14 -29.49
C ALA A 51 -4.64 18.83 -29.20
N SER A 52 -4.92 17.60 -28.77
CA SER A 52 -6.29 17.20 -28.45
C SER A 52 -6.68 17.75 -27.07
N SER A 53 -5.82 18.58 -26.49
CA SER A 53 -6.08 19.16 -25.18
C SER A 53 -6.72 18.10 -24.28
N PRO A 54 -5.99 16.99 -24.03
CA PRO A 54 -6.43 15.85 -23.21
C PRO A 54 -6.54 16.07 -21.70
N CYS A 55 -5.77 17.00 -21.15
CA CYS A 55 -5.83 17.22 -19.71
C CYS A 55 -7.12 17.96 -19.38
N GLN A 56 -7.98 17.34 -18.56
CA GLN A 56 -9.26 17.93 -18.17
C GLN A 56 -9.21 18.66 -16.85
N ASN A 57 -10.34 19.28 -16.51
CA ASN A 57 -10.48 20.01 -15.26
C ASN A 57 -9.38 21.01 -14.92
N GLY A 58 -8.95 21.76 -15.92
CA GLY A 58 -7.93 22.76 -15.69
C GLY A 58 -6.50 22.28 -15.69
N GLY A 59 -6.27 21.04 -16.13
CA GLY A 59 -4.92 20.49 -16.16
C GLY A 59 -4.02 21.11 -17.22
N SER A 60 -2.71 20.83 -17.14
CA SER A 60 -1.76 21.38 -18.09
C SER A 60 -1.01 20.25 -18.79
N CYS A 61 -1.11 20.24 -20.11
CA CYS A 61 -0.45 19.22 -20.90
C CYS A 61 0.98 19.59 -21.32
N LYS A 62 1.88 18.62 -21.24
CA LYS A 62 3.27 18.84 -21.61
C LYS A 62 3.60 17.69 -22.51
N ASP A 63 4.06 18.01 -23.72
CA ASP A 63 4.42 17.00 -24.70
C ASP A 63 5.59 16.14 -24.31
N GLN A 64 5.63 14.95 -24.91
CA GLN A 64 6.69 13.96 -24.69
C GLN A 64 6.77 13.20 -26.01
N LEU A 65 7.55 12.11 -26.05
CA LEU A 65 7.69 11.34 -27.29
C LEU A 65 6.52 10.36 -27.44
N GLN A 66 5.71 10.58 -28.48
CA GLN A 66 4.55 9.74 -28.77
C GLN A 66 3.60 9.75 -27.56
N SER A 67 3.79 10.70 -26.66
CA SER A 67 2.92 10.77 -25.48
C SER A 67 2.90 12.17 -24.90
N TYR A 68 2.29 12.29 -23.73
CA TYR A 68 2.19 13.56 -23.06
C TYR A 68 2.04 13.30 -21.58
N ILE A 69 2.15 14.36 -20.80
CA ILE A 69 2.02 14.30 -19.35
C ILE A 69 1.04 15.37 -18.91
N CYS A 70 0.14 15.02 -18.01
CA CYS A 70 -0.82 16.01 -17.56
C CYS A 70 -0.50 16.43 -16.15
N PHE A 71 -0.48 17.73 -15.92
CA PHE A 71 -0.21 18.25 -14.59
C PHE A 71 -1.58 18.66 -14.11
N CYS A 72 -2.05 18.05 -13.03
CA CYS A 72 -3.37 18.35 -12.48
C CYS A 72 -3.40 19.30 -11.33
N LEU A 73 -4.57 19.94 -11.17
CA LEU A 73 -4.77 20.88 -10.09
C LEU A 73 -4.96 19.94 -8.87
N PRO A 74 -4.74 20.46 -7.66
CA PRO A 74 -4.87 19.68 -6.42
C PRO A 74 -6.05 18.70 -6.28
N ALA A 75 -7.26 19.13 -6.63
CA ALA A 75 -8.42 18.28 -6.51
C ALA A 75 -8.61 17.21 -7.58
N PHE A 76 -7.60 16.96 -8.40
CA PHE A 76 -7.74 15.95 -9.44
C PHE A 76 -6.54 15.05 -9.65
N GLU A 77 -6.79 13.90 -10.28
CA GLU A 77 -5.76 12.94 -10.60
C GLU A 77 -6.25 12.18 -11.82
N GLY A 78 -5.49 11.18 -12.26
CA GLY A 78 -5.82 10.45 -13.46
C GLY A 78 -4.86 10.90 -14.56
N ARG A 79 -4.60 10.02 -15.52
CA ARG A 79 -3.71 10.30 -16.64
C ARG A 79 -4.12 11.58 -17.35
N ASN A 80 -5.44 11.86 -17.36
CA ASN A 80 -5.98 13.07 -18.01
C ASN A 80 -6.70 13.98 -17.02
N CYS A 81 -6.35 13.85 -15.74
CA CYS A 81 -6.95 14.66 -14.68
C CYS A 81 -8.49 14.50 -14.68
N GLU A 82 -8.95 13.33 -15.09
CA GLU A 82 -10.37 13.06 -15.14
C GLU A 82 -10.98 12.65 -13.79
N THR A 83 -10.15 12.17 -12.88
CA THR A 83 -10.64 11.76 -11.56
C THR A 83 -10.82 12.91 -10.59
N HIS A 84 -12.04 13.04 -10.08
CA HIS A 84 -12.39 14.09 -9.11
C HIS A 84 -12.17 13.48 -7.75
N LYS A 85 -11.19 13.97 -6.98
CA LYS A 85 -10.95 13.41 -5.65
C LYS A 85 -12.15 13.61 -4.74
N ASP A 86 -12.86 14.72 -4.94
CA ASP A 86 -14.05 15.04 -4.14
C ASP A 86 -15.21 14.08 -4.35
N ASP A 87 -15.09 13.19 -5.34
CA ASP A 87 -16.15 12.22 -5.62
C ASP A 87 -15.79 10.79 -5.14
N GLN A 88 -14.69 10.67 -4.39
CA GLN A 88 -14.26 9.36 -3.90
C GLN A 88 -14.51 9.10 -2.42
N LEU A 89 -15.43 9.83 -1.81
CA LEU A 89 -15.71 9.64 -0.39
C LEU A 89 -16.56 8.40 -0.15
N ILE A 90 -15.90 7.25 -0.22
CA ILE A 90 -16.55 5.99 -0.02
C ILE A 90 -15.76 5.17 1.01
N CYS A 91 -16.44 4.28 1.72
CA CYS A 91 -15.80 3.47 2.73
C CYS A 91 -14.54 2.71 2.34
N VAL A 92 -14.46 2.21 1.11
CA VAL A 92 -13.27 1.50 0.70
C VAL A 92 -12.09 2.46 0.52
N ASN A 93 -12.34 3.76 0.57
CA ASN A 93 -11.27 4.74 0.40
C ASN A 93 -10.81 5.29 1.75
N GLU A 94 -9.80 4.68 2.34
CA GLU A 94 -9.29 5.13 3.63
C GLU A 94 -10.44 5.27 4.65
N ASN A 95 -11.29 4.24 4.68
CA ASN A 95 -12.43 4.20 5.58
C ASN A 95 -13.35 5.41 5.49
N GLY A 96 -13.47 6.01 4.29
CA GLY A 96 -14.33 7.16 4.12
C GLY A 96 -14.00 8.32 5.04
N GLY A 97 -12.77 8.34 5.57
CA GLY A 97 -12.38 9.39 6.49
C GLY A 97 -12.97 9.20 7.88
N CYS A 98 -13.67 8.09 8.10
CA CYS A 98 -14.30 7.82 9.40
C CYS A 98 -13.23 7.34 10.38
N GLU A 99 -13.30 7.75 11.65
CA GLU A 99 -12.32 7.33 12.65
C GLU A 99 -12.54 5.85 12.98
N GLN A 100 -13.79 5.43 13.09
CA GLN A 100 -14.09 4.05 13.39
C GLN A 100 -14.89 3.36 12.29
N TYR A 101 -16.20 3.26 12.45
CA TYR A 101 -17.02 2.61 11.43
C TYR A 101 -17.49 3.53 10.30
N CYS A 102 -17.57 2.98 9.09
CA CYS A 102 -18.01 3.71 7.89
C CYS A 102 -19.15 2.95 7.21
N SER A 103 -20.22 3.67 6.87
CA SER A 103 -21.38 3.06 6.20
C SER A 103 -21.61 3.82 4.87
N ASP A 104 -21.55 3.09 3.77
CA ASP A 104 -21.75 3.68 2.45
C ASP A 104 -23.24 3.87 2.26
N HIS A 105 -23.61 4.91 1.53
CA HIS A 105 -25.02 5.21 1.26
C HIS A 105 -25.14 5.70 -0.18
N THR A 106 -25.26 4.79 -1.14
CA THR A 106 -25.38 5.19 -2.54
C THR A 106 -26.50 6.23 -2.65
N GLY A 107 -26.36 7.14 -3.60
CA GLY A 107 -27.36 8.18 -3.78
C GLY A 107 -27.09 9.33 -2.84
N THR A 108 -26.42 9.06 -1.74
CA THR A 108 -26.12 10.11 -0.78
C THR A 108 -24.77 9.92 -0.12
N LYS A 109 -24.40 10.85 0.75
CA LYS A 109 -23.14 10.82 1.46
C LYS A 109 -23.02 9.69 2.47
N ARG A 110 -21.81 9.14 2.57
CA ARG A 110 -21.53 8.05 3.51
C ARG A 110 -21.60 8.64 4.91
N SER A 111 -21.80 7.81 5.92
CA SER A 111 -21.86 8.30 7.28
C SER A 111 -20.87 7.50 8.14
N CYS A 112 -20.45 8.07 9.25
CA CYS A 112 -19.51 7.42 10.15
C CYS A 112 -20.24 7.05 11.42
N ARG A 113 -19.79 5.96 12.04
CA ARG A 113 -20.39 5.46 13.28
C ARG A 113 -19.28 5.06 14.25
N CYS A 114 -19.66 4.76 15.49
CA CYS A 114 -18.68 4.37 16.49
C CYS A 114 -19.10 3.10 17.20
N HIS A 115 -18.10 2.47 17.82
CA HIS A 115 -18.23 1.24 18.58
C HIS A 115 -18.93 1.57 19.91
N GLU A 116 -19.54 0.58 20.56
CA GLU A 116 -20.22 0.86 21.83
C GLU A 116 -19.11 1.43 22.74
N GLY A 117 -19.48 2.34 23.64
CA GLY A 117 -18.50 2.94 24.51
C GLY A 117 -17.99 4.26 23.96
N TYR A 118 -18.41 4.59 22.74
CA TYR A 118 -18.01 5.82 22.07
C TYR A 118 -19.20 6.51 21.40
N SER A 119 -19.02 7.77 21.03
CA SER A 119 -20.11 8.49 20.37
C SER A 119 -19.51 9.42 19.32
N LEU A 120 -20.27 9.67 18.27
CA LEU A 120 -19.84 10.54 17.17
C LEU A 120 -19.76 12.02 17.52
N LEU A 121 -18.69 12.67 17.09
CA LEU A 121 -18.52 14.09 17.36
C LEU A 121 -19.21 14.93 16.29
N ALA A 122 -19.34 16.22 16.55
CA ALA A 122 -19.98 17.15 15.63
C ALA A 122 -19.42 17.08 14.22
N ASP A 123 -18.11 16.91 14.10
CA ASP A 123 -17.48 16.83 12.81
C ASP A 123 -17.98 15.67 11.97
N GLY A 124 -18.92 14.89 12.50
CA GLY A 124 -19.44 13.75 11.76
C GLY A 124 -18.50 12.57 11.46
N VAL A 125 -17.23 12.67 11.83
CA VAL A 125 -16.28 11.58 11.56
C VAL A 125 -15.50 11.01 12.76
N SER A 126 -15.25 11.86 13.77
CA SER A 126 -14.52 11.47 14.96
C SER A 126 -15.34 10.79 16.05
N CYS A 127 -14.69 9.95 16.86
CA CYS A 127 -15.39 9.25 17.93
C CYS A 127 -14.76 9.55 19.28
N THR A 128 -15.61 9.81 20.26
CA THR A 128 -15.10 10.10 21.59
C THR A 128 -15.66 9.13 22.65
N PRO A 129 -14.84 8.76 23.64
CA PRO A 129 -15.28 7.85 24.71
C PRO A 129 -16.44 8.37 25.56
N THR A 130 -17.38 7.49 25.90
CA THR A 130 -18.51 7.88 26.72
C THR A 130 -18.34 7.17 28.09
N VAL A 131 -17.34 6.30 28.19
CA VAL A 131 -17.08 5.58 29.44
C VAL A 131 -15.63 5.82 29.86
N GLU A 132 -15.33 5.53 31.12
CA GLU A 132 -13.99 5.71 31.67
C GLU A 132 -12.93 4.82 31.04
N TYR A 133 -13.29 3.58 30.76
CA TYR A 133 -12.35 2.65 30.14
C TYR A 133 -12.90 2.10 28.82
N PRO A 134 -12.87 2.93 27.77
CA PRO A 134 -13.39 2.46 26.49
C PRO A 134 -12.54 1.30 25.96
N CYS A 135 -13.14 0.44 25.15
CA CYS A 135 -12.38 -0.68 24.62
C CYS A 135 -11.30 -0.11 23.71
N GLY A 136 -10.21 -0.84 23.59
CA GLY A 136 -9.15 -0.43 22.68
C GLY A 136 -8.23 0.72 22.99
N LYS A 137 -8.28 1.26 24.21
CA LYS A 137 -7.38 2.34 24.60
C LYS A 137 -6.49 1.79 25.70
N ILE A 138 -5.25 2.25 25.77
CA ILE A 138 -4.31 1.81 26.80
C ILE A 138 -4.14 2.96 27.80
N PRO A 139 -4.83 2.84 28.94
CA PRO A 139 -4.83 3.84 30.02
C PRO A 139 -3.49 4.40 30.51
N ILE A 140 -2.50 3.56 30.74
CA ILE A 140 -1.22 4.08 31.22
C ILE A 140 -0.47 4.95 30.22
N LEU A 141 -0.86 4.85 28.94
CA LEU A 141 -0.22 5.64 27.88
C LEU A 141 -1.07 6.88 27.64
N GLU A 142 -2.38 6.70 27.67
CA GLU A 142 -3.34 7.79 27.46
C GLU A 142 -3.14 8.90 28.50
N ILE B 1 6.23 -16.56 22.70
CA ILE B 1 6.53 -15.53 21.65
C ILE B 1 8.03 -15.58 21.36
N VAL B 2 8.38 -15.79 20.10
CA VAL B 2 9.78 -15.87 19.68
C VAL B 2 10.26 -14.51 19.11
N GLY B 3 11.37 -14.01 19.64
CA GLY B 3 11.97 -12.77 19.15
C GLY B 3 11.20 -11.48 19.36
N GLY B 4 10.40 -11.44 20.41
CA GLY B 4 9.62 -10.27 20.72
C GLY B 4 10.30 -9.49 21.81
N LYS B 5 9.51 -8.71 22.51
CA LYS B 5 9.99 -7.88 23.60
C LYS B 5 9.02 -8.04 24.76
N VAL B 6 9.46 -7.63 25.95
CA VAL B 6 8.59 -7.74 27.10
C VAL B 6 7.54 -6.64 26.92
N CYS B 7 6.26 -6.96 27.09
CA CYS B 7 5.22 -5.92 26.93
C CYS B 7 5.20 -5.24 28.29
N PRO B 8 5.57 -3.95 28.34
CA PRO B 8 5.58 -3.21 29.61
C PRO B 8 4.25 -3.36 30.34
N LYS B 9 4.32 -3.48 31.67
CA LYS B 9 3.13 -3.65 32.49
C LYS B 9 1.97 -2.70 32.20
N GLY B 10 0.82 -3.26 31.88
CA GLY B 10 -0.35 -2.46 31.59
C GLY B 10 -0.52 -2.03 30.14
N GLU B 11 0.43 -2.36 29.28
CA GLU B 11 0.33 -1.92 27.90
C GLU B 11 -0.34 -2.95 26.99
N CYS B 12 -0.70 -4.10 27.56
CA CYS B 12 -1.37 -5.16 26.82
C CYS B 12 -2.51 -5.51 27.80
N PRO B 13 -3.33 -4.51 28.19
CA PRO B 13 -4.44 -4.61 29.15
C PRO B 13 -5.56 -5.62 28.90
N TRP B 14 -5.69 -6.07 27.67
CA TRP B 14 -6.72 -7.03 27.33
C TRP B 14 -6.18 -8.44 27.31
N GLN B 15 -4.88 -8.61 27.56
CA GLN B 15 -4.34 -9.97 27.54
C GLN B 15 -4.89 -10.82 28.71
N VAL B 16 -5.24 -12.06 28.41
CA VAL B 16 -5.77 -12.99 29.40
C VAL B 16 -4.91 -14.24 29.46
N LEU B 17 -4.78 -14.78 30.67
CA LEU B 17 -4.00 -16.00 30.93
C LEU B 17 -5.05 -17.03 31.37
N LEU B 18 -5.15 -18.14 30.67
CA LEU B 18 -6.13 -19.14 31.03
C LEU B 18 -5.39 -20.24 31.79
N LEU B 19 -5.98 -20.70 32.89
CA LEU B 19 -5.38 -21.76 33.71
C LEU B 19 -6.41 -22.87 33.92
N VAL B 20 -5.93 -24.09 34.16
CA VAL B 20 -6.80 -25.25 34.40
C VAL B 20 -6.08 -25.98 35.54
N ASN B 21 -6.77 -26.14 36.68
CA ASN B 21 -6.18 -26.82 37.84
C ASN B 21 -4.91 -26.06 38.27
N GLY B 22 -4.89 -24.74 38.04
CA GLY B 22 -3.73 -23.95 38.42
C GLY B 22 -2.55 -23.84 37.46
N ALA B 23 -2.52 -24.66 36.41
CA ALA B 23 -1.40 -24.58 35.47
C ALA B 23 -1.77 -23.76 34.25
N GLN B 24 -0.80 -23.02 33.73
CA GLN B 24 -0.98 -22.19 32.54
C GLN B 24 -1.44 -23.04 31.38
N LEU B 25 -2.53 -22.63 30.75
CA LEU B 25 -3.08 -23.37 29.62
C LEU B 25 -2.96 -22.66 28.26
N CYS B 26 -3.44 -21.43 28.20
CA CYS B 26 -3.40 -20.67 26.96
C CYS B 26 -3.63 -19.18 27.23
N GLY B 27 -3.56 -18.40 26.16
CA GLY B 27 -3.77 -16.97 26.25
C GLY B 27 -5.22 -16.70 25.86
N GLY B 28 -5.66 -15.45 25.93
CA GLY B 28 -7.03 -15.13 25.55
C GLY B 28 -7.14 -13.62 25.39
N THR B 29 -8.27 -13.14 24.94
CA THR B 29 -8.46 -11.70 24.76
C THR B 29 -9.77 -11.25 25.35
N LEU B 30 -9.73 -10.28 26.26
CA LEU B 30 -10.95 -9.76 26.88
C LEU B 30 -11.62 -8.80 25.89
N ILE B 31 -12.90 -9.00 25.58
CA ILE B 31 -13.56 -8.10 24.63
C ILE B 31 -14.62 -7.20 25.30
N ASN B 32 -14.84 -7.45 26.59
CA ASN B 32 -15.77 -6.70 27.42
C ASN B 32 -15.61 -7.26 28.83
N THR B 33 -16.33 -6.73 29.82
CA THR B 33 -16.17 -7.25 31.18
C THR B 33 -16.53 -8.69 31.48
N ILE B 34 -17.20 -9.40 30.60
CA ILE B 34 -17.50 -10.77 30.95
C ILE B 34 -17.14 -11.80 29.89
N TRP B 35 -16.81 -11.35 28.67
CA TRP B 35 -16.47 -12.30 27.63
C TRP B 35 -15.01 -12.25 27.20
N VAL B 36 -14.44 -13.42 26.97
CA VAL B 36 -13.05 -13.57 26.55
C VAL B 36 -13.04 -14.44 25.30
N VAL B 37 -12.28 -14.02 24.30
CA VAL B 37 -12.19 -14.79 23.06
C VAL B 37 -10.84 -15.52 23.15
N SER B 38 -10.82 -16.81 22.82
CA SER B 38 -9.60 -17.64 22.87
C SER B 38 -9.60 -18.59 21.69
N ALA B 39 -8.76 -19.63 21.73
CA ALA B 39 -8.73 -20.58 20.62
C ALA B 39 -9.38 -21.90 21.01
N ALA B 40 -10.18 -22.46 20.12
CA ALA B 40 -10.84 -23.72 20.39
C ALA B 40 -9.90 -24.88 20.71
N HIS B 41 -8.75 -24.96 20.03
CA HIS B 41 -7.82 -26.08 20.27
C HIS B 41 -7.20 -26.14 21.65
N CYS B 42 -7.33 -25.06 22.40
CA CYS B 42 -6.81 -24.99 23.75
C CYS B 42 -7.58 -25.92 24.68
N PHE B 43 -8.81 -26.26 24.31
CA PHE B 43 -9.66 -27.11 25.15
C PHE B 43 -9.82 -28.60 24.78
N ASP B 44 -9.08 -29.08 23.78
CA ASP B 44 -9.18 -30.47 23.36
C ASP B 44 -9.00 -31.50 24.48
N LYS B 45 -8.12 -31.22 25.42
CA LYS B 45 -7.90 -32.17 26.49
C LYS B 45 -8.46 -31.85 27.87
N ILE B 46 -9.37 -30.90 27.96
CA ILE B 46 -9.93 -30.56 29.27
C ILE B 46 -10.83 -31.66 29.82
N LYS B 47 -10.61 -32.01 31.08
CA LYS B 47 -11.42 -33.05 31.71
C LYS B 47 -12.18 -32.41 32.88
N ASN B 48 -11.54 -31.43 33.52
CA ASN B 48 -12.11 -30.72 34.65
C ASN B 48 -12.61 -29.34 34.22
N TRP B 49 -13.77 -29.33 33.56
CA TRP B 49 -14.39 -28.10 33.07
C TRP B 49 -14.72 -27.06 34.11
N ARG B 50 -14.81 -27.48 35.37
CA ARG B 50 -15.13 -26.55 36.45
C ARG B 50 -13.91 -25.88 37.07
N ASN B 51 -12.73 -26.34 36.68
CA ASN B 51 -11.46 -25.81 37.18
C ASN B 51 -10.77 -24.85 36.19
N LEU B 52 -11.58 -24.22 35.34
CA LEU B 52 -11.11 -23.27 34.32
C LEU B 52 -11.10 -21.84 34.88
N ILE B 53 -9.92 -21.22 34.91
CA ILE B 53 -9.80 -19.85 35.41
C ILE B 53 -9.17 -18.86 34.43
N ALA B 54 -9.71 -17.64 34.41
CA ALA B 54 -9.20 -16.59 33.52
C ALA B 54 -8.57 -15.53 34.40
N VAL B 55 -7.34 -15.17 34.10
CA VAL B 55 -6.65 -14.15 34.90
C VAL B 55 -6.40 -12.90 34.04
N LEU B 56 -6.85 -11.75 34.53
CA LEU B 56 -6.66 -10.49 33.82
C LEU B 56 -5.71 -9.63 34.63
N GLY B 57 -5.03 -8.69 33.96
CA GLY B 57 -4.10 -7.83 34.66
C GLY B 57 -2.80 -8.53 35.08
N GLU B 58 -2.55 -9.69 34.50
CA GLU B 58 -1.34 -10.45 34.79
C GLU B 58 -0.15 -9.91 33.97
N HIS B 59 1.07 -10.11 34.47
CA HIS B 59 2.25 -9.63 33.75
C HIS B 59 3.46 -10.56 33.99
N ASP B 60 3.84 -10.67 35.26
CA ASP B 60 4.97 -11.50 35.70
C ASP B 60 4.36 -12.72 36.41
N LEU B 61 4.42 -13.87 35.77
CA LEU B 61 3.86 -15.08 36.35
C LEU B 61 4.48 -15.49 37.68
N SER B 62 5.70 -15.02 37.94
CA SER B 62 6.45 -15.30 39.15
C SER B 62 6.11 -14.49 40.40
N GLU B 63 5.22 -13.51 40.27
CA GLU B 63 4.85 -12.71 41.43
C GLU B 63 3.46 -12.16 41.28
N HIS B 64 2.75 -12.08 42.41
CA HIS B 64 1.39 -11.56 42.36
C HIS B 64 1.42 -10.13 42.85
N ASP B 65 0.58 -9.29 42.24
CA ASP B 65 0.51 -7.91 42.66
C ASP B 65 -0.97 -7.58 42.68
N GLY B 66 -1.32 -6.41 43.17
CA GLY B 66 -2.73 -6.08 43.27
C GLY B 66 -3.47 -5.78 41.99
N ASP B 67 -2.88 -6.01 40.83
CA ASP B 67 -3.61 -5.70 39.61
C ASP B 67 -4.27 -6.92 38.96
N GLU B 68 -3.87 -8.12 39.39
CA GLU B 68 -4.42 -9.32 38.84
C GLU B 68 -5.80 -9.60 39.37
N GLN B 69 -6.69 -10.04 38.48
CA GLN B 69 -8.07 -10.35 38.84
C GLN B 69 -8.33 -11.73 38.26
N SER B 70 -8.89 -12.63 39.05
CA SER B 70 -9.19 -13.95 38.55
C SER B 70 -10.69 -14.19 38.54
N ARG B 71 -11.14 -14.87 37.50
CA ARG B 71 -12.55 -15.15 37.36
C ARG B 71 -12.75 -16.56 36.88
N ARG B 72 -13.78 -17.19 37.40
CA ARG B 72 -14.10 -18.54 37.00
C ARG B 72 -14.70 -18.50 35.59
N VAL B 73 -14.39 -19.49 34.75
CA VAL B 73 -14.95 -19.50 33.39
C VAL B 73 -16.24 -20.34 33.48
N ALA B 74 -17.39 -19.69 33.30
CA ALA B 74 -18.68 -20.37 33.37
C ALA B 74 -19.09 -21.12 32.12
N GLN B 75 -18.58 -20.68 30.98
CA GLN B 75 -18.94 -21.33 29.75
C GLN B 75 -17.86 -21.24 28.69
N VAL B 76 -17.71 -22.31 27.91
CA VAL B 76 -16.70 -22.33 26.84
C VAL B 76 -17.50 -22.68 25.59
N ILE B 77 -17.64 -21.70 24.70
CA ILE B 77 -18.39 -21.92 23.49
C ILE B 77 -17.46 -22.04 22.26
N ILE B 78 -17.60 -23.15 21.55
CA ILE B 78 -16.80 -23.40 20.37
C ILE B 78 -17.70 -23.74 19.21
N PRO B 79 -17.28 -23.42 17.98
CA PRO B 79 -18.16 -23.75 16.85
C PRO B 79 -18.29 -25.25 16.67
N SER B 80 -19.48 -25.71 16.33
CA SER B 80 -19.71 -27.14 16.13
C SER B 80 -18.86 -27.71 15.00
N THR B 81 -18.55 -26.87 14.02
CA THR B 81 -17.75 -27.27 12.88
C THR B 81 -16.29 -27.54 13.27
N TYR B 82 -15.86 -27.04 14.43
CA TYR B 82 -14.47 -27.27 14.86
C TYR B 82 -14.23 -28.75 15.13
N VAL B 83 -13.11 -29.29 14.61
CA VAL B 83 -12.78 -30.69 14.82
C VAL B 83 -11.53 -30.85 15.66
N PRO B 84 -11.66 -31.44 16.87
CA PRO B 84 -10.49 -31.63 17.73
C PRO B 84 -9.32 -32.25 16.99
N GLY B 85 -8.14 -31.74 17.27
CA GLY B 85 -6.99 -32.25 16.58
C GLY B 85 -6.70 -31.46 15.31
N THR B 86 -7.65 -30.69 14.78
CA THR B 86 -7.36 -29.93 13.56
C THR B 86 -7.23 -28.44 13.83
N THR B 87 -7.05 -27.63 12.79
CA THR B 87 -6.89 -26.18 12.93
C THR B 87 -8.02 -25.25 12.48
N ASN B 88 -8.91 -25.71 11.61
CA ASN B 88 -10.01 -24.85 11.15
C ASN B 88 -10.98 -24.45 12.27
N HIS B 89 -11.58 -23.26 12.14
CA HIS B 89 -12.51 -22.76 13.15
C HIS B 89 -11.89 -22.82 14.54
N ASP B 90 -10.67 -22.29 14.65
CA ASP B 90 -9.97 -22.28 15.93
C ASP B 90 -10.29 -21.04 16.75
N ILE B 91 -11.49 -21.04 17.33
CA ILE B 91 -11.93 -19.94 18.15
C ILE B 91 -12.85 -20.48 19.25
N ALA B 92 -12.85 -19.81 20.39
CA ALA B 92 -13.66 -20.17 21.56
C ALA B 92 -14.15 -18.89 22.21
N LEU B 93 -15.41 -18.84 22.60
CA LEU B 93 -15.96 -17.65 23.25
C LEU B 93 -16.19 -18.09 24.69
N LEU B 94 -15.63 -17.36 25.64
CA LEU B 94 -15.77 -17.71 27.05
C LEU B 94 -16.53 -16.73 27.91
N ARG B 95 -17.43 -17.26 28.73
CA ARG B 95 -18.24 -16.42 29.62
C ARG B 95 -17.63 -16.55 31.03
N LEU B 96 -17.29 -15.42 31.63
CA LEU B 96 -16.70 -15.44 32.98
C LEU B 96 -17.89 -15.49 33.95
N HIS B 97 -17.76 -16.18 35.07
CA HIS B 97 -18.89 -16.27 36.00
C HIS B 97 -19.33 -14.91 36.56
N GLN B 98 -18.36 -14.02 36.80
CA GLN B 98 -18.66 -12.70 37.30
C GLN B 98 -17.80 -11.80 36.43
N PRO B 99 -18.23 -10.55 36.22
CA PRO B 99 -17.40 -9.68 35.38
C PRO B 99 -16.15 -9.18 36.07
N VAL B 100 -15.13 -8.84 35.29
CA VAL B 100 -13.90 -8.33 35.85
C VAL B 100 -14.14 -6.83 36.01
N VAL B 101 -13.27 -6.16 36.74
CA VAL B 101 -13.41 -4.72 36.94
C VAL B 101 -12.40 -4.03 36.01
N LEU B 102 -12.89 -3.11 35.17
CA LEU B 102 -12.02 -2.38 34.26
C LEU B 102 -11.14 -1.43 35.07
N THR B 103 -9.84 -1.45 34.82
CA THR B 103 -8.87 -0.60 35.53
C THR B 103 -7.78 -0.20 34.56
N ASP B 104 -6.78 0.52 35.07
CA ASP B 104 -5.66 0.95 34.24
C ASP B 104 -4.94 -0.27 33.67
N HIS B 105 -5.05 -1.40 34.37
CA HIS B 105 -4.40 -2.62 33.93
C HIS B 105 -5.32 -3.66 33.30
N VAL B 106 -6.63 -3.40 33.30
CA VAL B 106 -7.53 -4.39 32.71
C VAL B 106 -8.54 -3.66 31.83
N VAL B 107 -8.38 -3.78 30.52
CA VAL B 107 -9.26 -3.13 29.56
C VAL B 107 -9.51 -4.07 28.40
N PRO B 108 -10.74 -4.09 27.88
CA PRO B 108 -11.05 -4.96 26.75
C PRO B 108 -10.56 -4.44 25.41
N LEU B 109 -10.30 -5.34 24.47
CA LEU B 109 -9.84 -4.97 23.14
C LEU B 109 -11.18 -4.86 22.40
N CYS B 110 -11.30 -3.92 21.47
CA CYS B 110 -12.55 -3.77 20.72
C CYS B 110 -12.79 -4.85 19.70
N LEU B 111 -13.95 -5.48 19.75
CA LEU B 111 -14.27 -6.51 18.77
C LEU B 111 -14.92 -5.63 17.69
N PRO B 112 -14.37 -5.62 16.46
CA PRO B 112 -14.93 -4.77 15.40
C PRO B 112 -16.06 -5.35 14.56
N GLU B 113 -16.70 -4.47 13.79
CA GLU B 113 -17.79 -4.88 12.89
C GLU B 113 -17.06 -5.64 11.77
N ARG B 114 -17.78 -6.53 11.09
CA ARG B 114 -17.20 -7.32 10.02
C ARG B 114 -16.67 -6.54 8.81
N THR B 115 -17.49 -5.63 8.31
CA THR B 115 -17.12 -4.82 7.17
C THR B 115 -15.87 -4.00 7.44
N PHE B 116 -15.88 -3.25 8.54
CA PHE B 116 -14.75 -2.43 8.94
C PHE B 116 -13.45 -3.27 9.01
N SER B 117 -13.55 -4.46 9.59
CA SER B 117 -12.40 -5.34 9.71
C SER B 117 -11.90 -5.89 8.38
N GLU B 118 -12.82 -6.24 7.48
CA GLU B 118 -12.45 -6.78 6.18
C GLU B 118 -11.95 -5.74 5.17
N ARG B 119 -12.60 -4.58 5.17
CA ARG B 119 -12.26 -3.50 4.25
C ARG B 119 -11.23 -2.52 4.75
N THR B 120 -11.04 -2.45 6.05
CA THR B 120 -10.06 -1.50 6.55
C THR B 120 -8.95 -2.10 7.40
N LEU B 121 -9.30 -2.74 8.51
CA LEU B 121 -8.27 -3.34 9.37
C LEU B 121 -7.41 -4.38 8.70
N ALA B 122 -7.96 -5.10 7.74
CA ALA B 122 -7.21 -6.13 7.04
C ALA B 122 -6.04 -5.61 6.24
N PHE B 123 -6.07 -4.31 5.97
CA PHE B 123 -5.02 -3.68 5.19
C PHE B 123 -3.98 -2.89 5.99
N VAL B 124 -4.13 -2.91 7.31
CA VAL B 124 -3.20 -2.24 8.19
C VAL B 124 -2.09 -3.31 8.20
N ARG B 125 -0.91 -2.94 7.74
CA ARG B 125 0.20 -3.88 7.68
C ARG B 125 0.58 -4.67 8.95
N PHE B 126 0.96 -3.94 9.98
CA PHE B 126 1.37 -4.52 11.24
C PHE B 126 0.32 -4.58 12.32
N SER B 127 0.42 -5.62 13.16
CA SER B 127 -0.49 -5.84 14.28
C SER B 127 0.37 -6.50 15.39
N LEU B 128 -0.10 -6.43 16.63
CA LEU B 128 0.65 -7.01 17.74
C LEU B 128 0.12 -8.38 18.21
N VAL B 129 1.01 -9.32 18.51
CA VAL B 129 0.59 -10.63 19.00
C VAL B 129 1.33 -10.73 20.35
N SER B 130 0.69 -11.29 21.35
CA SER B 130 1.32 -11.41 22.66
C SER B 130 1.02 -12.72 23.38
N GLY B 131 1.78 -12.98 24.45
CA GLY B 131 1.56 -14.18 25.23
C GLY B 131 2.73 -14.57 26.12
N TRP B 132 2.49 -15.56 26.99
CA TRP B 132 3.53 -16.08 27.88
C TRP B 132 4.06 -17.41 27.32
N GLY B 133 3.94 -17.57 26.01
CA GLY B 133 4.35 -18.82 25.39
C GLY B 133 5.85 -19.02 25.24
N GLN B 134 6.21 -20.11 24.58
CA GLN B 134 7.62 -20.50 24.35
C GLN B 134 8.41 -19.37 23.67
N LEU B 135 9.59 -19.09 24.24
CA LEU B 135 10.48 -18.06 23.74
C LEU B 135 11.29 -18.55 22.57
N LEU B 136 11.17 -19.85 22.29
CA LEU B 136 11.87 -20.49 21.19
C LEU B 136 11.12 -21.76 20.89
N ASP B 137 11.20 -22.22 19.64
CA ASP B 137 10.51 -23.43 19.25
C ASP B 137 10.94 -24.56 20.18
N ARG B 138 9.97 -25.10 20.92
CA ARG B 138 10.23 -26.17 21.86
C ARG B 138 11.07 -25.72 23.05
N GLY B 139 11.13 -24.40 23.26
CA GLY B 139 11.88 -23.85 24.36
C GLY B 139 11.00 -23.65 25.58
N ALA B 140 11.52 -22.92 26.56
CA ALA B 140 10.78 -22.66 27.79
C ALA B 140 9.80 -21.50 27.58
N THR B 141 8.74 -21.47 28.39
CA THR B 141 7.74 -20.41 28.31
C THR B 141 8.26 -19.15 29.02
N ALA B 142 7.64 -18.01 28.74
CA ALA B 142 7.98 -16.70 29.32
C ALA B 142 7.34 -16.43 30.67
N LEU B 143 8.06 -15.71 31.55
CA LEU B 143 7.54 -15.37 32.88
C LEU B 143 6.85 -14.01 32.80
N GLU B 144 7.37 -13.14 31.94
CA GLU B 144 6.81 -11.80 31.74
C GLU B 144 6.12 -11.79 30.36
N LEU B 145 4.97 -11.15 30.29
CA LEU B 145 4.22 -11.09 29.02
C LEU B 145 5.12 -10.54 27.90
N MET B 146 5.17 -11.25 26.78
CA MET B 146 5.97 -10.87 25.62
C MET B 146 5.02 -10.37 24.51
N VAL B 147 5.51 -9.47 23.66
CA VAL B 147 4.66 -8.95 22.58
C VAL B 147 5.54 -8.80 21.36
N LEU B 148 4.93 -8.95 20.19
CA LEU B 148 5.62 -8.87 18.92
C LEU B 148 4.81 -8.17 17.82
N ASN B 149 5.52 -7.44 16.96
CA ASN B 149 4.92 -6.71 15.85
C ASN B 149 5.08 -7.61 14.62
N VAL B 150 3.97 -7.97 13.96
CA VAL B 150 4.05 -8.83 12.78
C VAL B 150 3.19 -8.30 11.63
N PRO B 151 3.68 -8.40 10.39
CA PRO B 151 2.96 -7.95 9.19
C PRO B 151 2.02 -9.04 8.69
N ARG B 152 0.84 -8.64 8.21
CA ARG B 152 -0.18 -9.56 7.70
C ARG B 152 0.00 -9.81 6.18
N LEU B 153 -0.36 -11.00 5.72
CA LEU B 153 -0.24 -11.33 4.31
C LEU B 153 -1.55 -11.91 3.85
N MET B 154 -1.91 -11.68 2.59
CA MET B 154 -3.13 -12.22 2.04
C MET B 154 -2.69 -13.65 1.82
N THR B 155 -3.62 -14.58 1.89
CA THR B 155 -3.26 -15.98 1.72
C THR B 155 -2.55 -16.39 0.41
N GLN B 156 -2.91 -15.78 -0.71
CA GLN B 156 -2.26 -16.13 -1.96
C GLN B 156 -0.76 -15.92 -1.79
N ASP B 157 -0.41 -14.79 -1.19
CA ASP B 157 0.98 -14.45 -0.96
C ASP B 157 1.63 -15.42 0.05
N CYS B 158 0.91 -15.70 1.12
CA CYS B 158 1.43 -16.59 2.12
C CYS B 158 1.78 -17.93 1.46
N LEU B 159 0.85 -18.45 0.65
CA LEU B 159 1.05 -19.73 -0.04
C LEU B 159 2.24 -19.66 -1.02
N GLN B 160 2.37 -18.56 -1.73
CA GLN B 160 3.46 -18.42 -2.69
C GLN B 160 4.82 -18.21 -2.05
N GLN B 161 4.85 -17.65 -0.84
CA GLN B 161 6.10 -17.39 -0.15
C GLN B 161 6.46 -18.45 0.89
N SER B 162 5.71 -19.54 0.96
CA SER B 162 6.01 -20.57 1.93
C SER B 162 6.60 -21.83 1.33
N ARG B 163 7.53 -22.44 2.05
CA ARG B 163 8.16 -23.66 1.57
C ARG B 163 7.07 -24.72 1.57
N LYS B 164 7.02 -25.49 0.50
CA LYS B 164 6.03 -26.55 0.34
C LYS B 164 6.35 -27.73 1.26
N VAL B 165 5.33 -28.22 1.94
CA VAL B 165 5.46 -29.34 2.85
C VAL B 165 4.36 -30.35 2.47
N GLY B 166 4.79 -31.53 2.03
CA GLY B 166 3.86 -32.56 1.58
C GLY B 166 2.57 -32.74 2.36
N ASP B 167 2.66 -32.70 3.68
CA ASP B 167 1.47 -32.88 4.49
C ASP B 167 1.32 -31.74 5.48
N SER B 168 0.36 -30.85 5.24
CA SER B 168 0.13 -29.73 6.15
C SER B 168 -1.28 -29.20 6.01
N PRO B 169 -1.80 -28.56 7.06
CA PRO B 169 -3.17 -28.04 6.98
C PRO B 169 -3.42 -26.96 5.94
N ASN B 170 -4.62 -26.97 5.37
CA ASN B 170 -5.00 -25.99 4.37
C ASN B 170 -5.17 -24.65 5.11
N ILE B 171 -4.89 -23.54 4.43
CA ILE B 171 -5.06 -22.25 5.05
C ILE B 171 -6.44 -21.92 4.49
N THR B 172 -7.45 -21.86 5.36
CA THR B 172 -8.81 -21.58 4.89
C THR B 172 -9.20 -20.12 4.97
N GLU B 173 -10.43 -19.80 4.56
CA GLU B 173 -10.94 -18.43 4.60
C GLU B 173 -11.12 -18.01 6.06
N TYR B 174 -11.06 -18.99 6.97
CA TYR B 174 -11.24 -18.68 8.39
C TYR B 174 -9.88 -18.44 9.08
N MET B 175 -8.83 -18.24 8.27
CA MET B 175 -7.50 -17.99 8.82
C MET B 175 -6.76 -16.96 7.96
N PHE B 176 -5.61 -16.50 8.47
CA PHE B 176 -4.79 -15.54 7.74
C PHE B 176 -3.39 -15.70 8.30
N CYS B 177 -2.40 -15.41 7.45
CA CYS B 177 -0.99 -15.52 7.84
C CYS B 177 -0.43 -14.16 8.25
N ALA B 178 0.50 -14.18 9.19
CA ALA B 178 1.12 -12.96 9.64
C ALA B 178 2.50 -13.38 10.17
N GLY B 179 3.49 -12.51 10.02
CA GLY B 179 4.80 -12.84 10.54
C GLY B 179 5.98 -12.69 9.61
N TYR B 180 6.98 -13.53 9.85
CA TYR B 180 8.21 -13.47 9.07
C TYR B 180 8.57 -14.90 8.71
N SER B 181 9.08 -15.08 7.51
CA SER B 181 9.46 -16.39 7.04
C SER B 181 10.97 -16.57 7.13
N ASP B 182 11.65 -15.70 7.86
CA ASP B 182 13.11 -15.82 7.98
C ASP B 182 13.61 -16.41 9.28
N GLY B 183 12.73 -17.10 9.99
CA GLY B 183 13.09 -17.72 11.26
C GLY B 183 13.39 -16.80 12.44
N SER B 184 13.11 -15.51 12.34
CA SER B 184 13.43 -14.58 13.42
C SER B 184 12.39 -14.19 14.46
N LYS B 185 11.12 -14.15 14.08
CA LYS B 185 10.06 -13.76 15.00
C LYS B 185 8.77 -14.48 14.67
N ASP B 186 8.00 -14.84 15.70
CA ASP B 186 6.75 -15.54 15.49
C ASP B 186 6.09 -15.77 16.83
N SER B 187 4.85 -16.25 16.81
CA SER B 187 4.15 -16.52 18.06
C SER B 187 4.42 -18.03 18.19
N CYS B 188 4.14 -18.65 19.34
CA CYS B 188 4.43 -20.08 19.50
C CYS B 188 3.52 -20.81 20.50
N LYS B 189 3.81 -22.08 20.73
CA LYS B 189 3.02 -22.91 21.67
C LYS B 189 2.93 -22.16 23.01
N GLY B 190 1.75 -22.15 23.63
CA GLY B 190 1.62 -21.44 24.88
C GLY B 190 1.07 -20.04 24.64
N ASP B 191 1.20 -19.53 23.41
CA ASP B 191 0.64 -18.20 23.08
C ASP B 191 -0.77 -18.37 22.51
N SER B 192 -1.09 -19.61 22.16
CA SER B 192 -2.42 -19.93 21.59
C SER B 192 -3.58 -19.24 22.31
N GLY B 193 -4.55 -18.75 21.53
CA GLY B 193 -5.69 -18.08 22.15
C GLY B 193 -5.46 -16.60 22.38
N GLY B 194 -4.18 -16.17 22.33
CA GLY B 194 -3.88 -14.75 22.57
C GLY B 194 -4.27 -13.83 21.40
N PRO B 195 -4.32 -12.52 21.60
CA PRO B 195 -4.69 -11.59 20.53
C PRO B 195 -3.64 -11.23 19.50
N HIS B 196 -4.17 -10.82 18.35
CA HIS B 196 -3.48 -10.35 17.15
C HIS B 196 -4.33 -9.08 17.16
N ALA B 197 -3.78 -8.01 17.72
CA ALA B 197 -4.45 -6.74 17.83
C ALA B 197 -3.96 -5.71 16.82
N THR B 198 -4.92 -5.04 16.19
CA THR B 198 -4.61 -4.02 15.19
C THR B 198 -5.01 -2.60 15.59
N HIS B 199 -4.05 -1.71 15.50
CA HIS B 199 -4.19 -0.29 15.84
C HIS B 199 -4.73 0.44 14.61
N TYR B 200 -5.72 1.30 14.78
CA TYR B 200 -6.28 2.05 13.63
C TYR B 200 -6.89 3.33 14.15
N ARG B 201 -6.32 4.45 13.71
CA ARG B 201 -6.76 5.78 14.10
C ARG B 201 -7.09 5.94 15.58
N GLY B 202 -6.11 5.64 16.44
CA GLY B 202 -6.27 5.80 17.87
C GLY B 202 -6.93 4.68 18.67
N THR B 203 -7.34 3.60 18.02
CA THR B 203 -7.98 2.53 18.77
C THR B 203 -7.55 1.15 18.34
N TRP B 204 -7.46 0.23 19.30
CA TRP B 204 -7.05 -1.15 19.02
C TRP B 204 -8.24 -2.10 18.86
N TYR B 205 -8.15 -2.99 17.86
CA TYR B 205 -9.19 -3.97 17.58
C TYR B 205 -8.66 -5.39 17.46
N LEU B 206 -9.53 -6.38 17.74
CA LEU B 206 -9.16 -7.81 17.66
C LEU B 206 -9.38 -8.27 16.19
N THR B 207 -8.31 -8.73 15.53
CA THR B 207 -8.40 -9.18 14.16
C THR B 207 -8.02 -10.63 14.09
N GLY B 208 -7.29 -11.11 15.07
CA GLY B 208 -6.91 -12.51 15.02
C GLY B 208 -6.63 -13.16 16.35
N ILE B 209 -6.53 -14.48 16.33
CA ILE B 209 -6.22 -15.28 17.50
C ILE B 209 -4.99 -16.15 17.18
N VAL B 210 -4.03 -16.20 18.10
CA VAL B 210 -2.84 -17.02 17.86
C VAL B 210 -3.37 -18.42 17.70
N SER B 211 -3.09 -19.05 16.57
CA SER B 211 -3.60 -20.39 16.36
C SER B 211 -2.67 -21.53 16.03
N TRP B 212 -1.97 -21.47 14.90
CA TRP B 212 -1.08 -22.56 14.58
C TRP B 212 0.09 -22.18 13.71
N GLY B 213 0.93 -23.19 13.46
CA GLY B 213 2.09 -22.99 12.62
C GLY B 213 2.90 -24.27 12.52
N GLN B 214 3.84 -24.26 11.59
CA GLN B 214 4.75 -25.35 11.32
C GLN B 214 5.87 -24.99 12.27
N GLY B 215 5.80 -25.50 13.50
CA GLY B 215 6.82 -25.14 14.45
C GLY B 215 6.66 -23.65 14.69
N CYS B 216 7.71 -23.02 15.23
CA CYS B 216 7.67 -21.60 15.53
C CYS B 216 8.88 -20.89 14.96
N ALA B 217 8.64 -19.86 14.14
CA ALA B 217 9.70 -19.10 13.52
C ALA B 217 10.56 -20.04 12.72
N THR B 218 9.91 -20.78 11.85
CA THR B 218 10.57 -21.76 11.00
C THR B 218 10.80 -21.10 9.64
N VAL B 219 12.04 -21.18 9.15
CA VAL B 219 12.38 -20.58 7.87
C VAL B 219 11.44 -21.10 6.79
N GLY B 220 10.85 -20.19 6.02
CA GLY B 220 9.94 -20.60 4.97
C GLY B 220 8.49 -20.76 5.39
N HIS B 221 8.18 -20.29 6.61
CA HIS B 221 6.82 -20.39 7.16
C HIS B 221 6.39 -19.19 8.00
N PHE B 222 5.08 -18.93 8.01
CA PHE B 222 4.48 -17.81 8.75
C PHE B 222 3.50 -18.30 9.83
N GLY B 223 3.24 -17.46 10.83
CA GLY B 223 2.27 -17.85 11.82
C GLY B 223 0.90 -17.83 11.16
N VAL B 224 -0.03 -18.66 11.63
CA VAL B 224 -1.38 -18.67 11.05
C VAL B 224 -2.33 -18.35 12.20
N TYR B 225 -3.17 -17.36 11.95
CA TYR B 225 -4.13 -16.87 12.89
C TYR B 225 -5.59 -17.05 12.48
N THR B 226 -6.45 -17.25 13.47
CA THR B 226 -7.86 -17.42 13.15
C THR B 226 -8.35 -16.05 12.69
N ARG B 227 -9.08 -16.00 11.58
CA ARG B 227 -9.61 -14.74 11.05
C ARG B 227 -10.89 -14.36 11.78
N VAL B 228 -10.74 -13.54 12.82
CA VAL B 228 -11.87 -13.11 13.65
C VAL B 228 -13.02 -12.47 12.88
N SER B 229 -12.69 -11.73 11.82
CA SER B 229 -13.73 -11.09 11.04
C SER B 229 -14.82 -12.08 10.58
N GLN B 230 -14.49 -13.33 10.37
CA GLN B 230 -15.48 -14.31 9.91
C GLN B 230 -16.45 -14.81 10.99
N TYR B 231 -16.17 -14.47 12.24
CA TYR B 231 -16.96 -14.87 13.39
C TYR B 231 -17.68 -13.76 14.14
N ILE B 232 -17.58 -12.51 13.67
CA ILE B 232 -18.26 -11.41 14.38
C ILE B 232 -19.74 -11.70 14.68
N GLU B 233 -20.47 -12.09 13.65
CA GLU B 233 -21.89 -12.37 13.82
C GLU B 233 -22.11 -13.48 14.83
N TRP B 234 -21.44 -14.59 14.61
CA TRP B 234 -21.54 -15.74 15.50
C TRP B 234 -21.22 -15.37 16.97
N LEU B 235 -20.23 -14.49 17.15
CA LEU B 235 -19.84 -14.07 18.50
C LEU B 235 -20.89 -13.15 19.14
N GLN B 236 -21.43 -12.20 18.38
CA GLN B 236 -22.43 -11.31 18.95
C GLN B 236 -23.72 -12.03 19.28
N LYS B 237 -24.15 -12.94 18.43
CA LYS B 237 -25.39 -13.65 18.73
C LYS B 237 -25.20 -14.44 20.03
N LEU B 238 -24.10 -15.16 20.14
CA LEU B 238 -23.83 -15.96 21.32
C LEU B 238 -23.66 -15.15 22.59
N MET B 239 -23.15 -13.94 22.49
CA MET B 239 -22.96 -13.12 23.68
C MET B 239 -24.29 -12.64 24.23
N ARG B 240 -25.34 -12.78 23.43
CA ARG B 240 -26.70 -12.38 23.82
C ARG B 240 -27.45 -13.58 24.36
N SER B 241 -26.85 -14.76 24.26
CA SER B 241 -27.45 -15.99 24.73
C SER B 241 -27.51 -16.16 26.23
N GLU B 242 -28.43 -17.03 26.65
CA GLU B 242 -28.62 -17.33 28.06
C GLU B 242 -27.75 -18.53 28.38
N PRO B 243 -27.11 -18.53 29.55
CA PRO B 243 -26.24 -19.62 29.99
C PRO B 243 -26.84 -21.04 29.96
N ARG B 244 -25.94 -22.01 29.84
CA ARG B 244 -26.24 -23.44 29.80
C ARG B 244 -25.83 -24.00 31.16
N PRO B 245 -26.26 -25.23 31.49
CA PRO B 245 -25.84 -25.71 32.81
C PRO B 245 -24.39 -26.24 32.73
N GLY B 246 -24.07 -26.90 31.63
CA GLY B 246 -22.73 -27.43 31.43
C GLY B 246 -21.82 -26.32 30.94
N VAL B 247 -20.51 -26.51 31.08
CA VAL B 247 -19.54 -25.51 30.68
C VAL B 247 -19.33 -25.45 29.17
N LEU B 248 -18.87 -26.55 28.60
CA LEU B 248 -18.63 -26.60 27.17
C LEU B 248 -19.93 -26.57 26.37
N LEU B 249 -19.93 -25.80 25.29
CA LEU B 249 -21.10 -25.69 24.45
C LEU B 249 -20.63 -25.60 23.02
N ARG B 250 -20.99 -26.60 22.22
CA ARG B 250 -20.61 -26.61 20.83
C ARG B 250 -21.80 -25.99 20.11
N ALA B 251 -21.67 -24.70 19.76
CA ALA B 251 -22.75 -23.96 19.07
C ALA B 251 -22.64 -24.03 17.55
N PRO B 252 -23.79 -24.09 16.86
CA PRO B 252 -23.77 -24.16 15.40
C PRO B 252 -23.08 -22.98 14.74
N PHE B 253 -22.46 -23.25 13.60
CA PHE B 253 -21.75 -22.22 12.83
C PHE B 253 -21.96 -22.60 11.38
N PRO B 254 -22.36 -21.63 10.55
CA PRO B 254 -22.61 -20.23 10.88
C PRO B 254 -23.65 -19.93 11.94
N SER C 1 -8.04 -25.02 -9.29
CA SER C 1 -9.23 -24.17 -9.57
C SER C 1 -9.72 -23.50 -8.28
N GLY C 2 -10.56 -22.48 -8.43
CA GLY C 2 -11.08 -21.78 -7.27
C GLY C 2 -12.54 -21.37 -7.38
N THR C 3 -12.78 -20.10 -7.72
CA THR C 3 -14.13 -19.57 -7.85
C THR C 3 -14.55 -19.46 -9.33
N THR C 4 -15.86 -19.42 -9.57
CA THR C 4 -16.43 -19.32 -10.91
C THR C 4 -15.93 -18.19 -11.83
N ASN C 5 -16.68 -17.08 -11.87
CA ASN C 5 -16.33 -15.94 -12.71
C ASN C 5 -15.05 -15.17 -12.36
N THR C 6 -14.58 -14.39 -13.33
CA THR C 6 -13.39 -13.54 -13.25
C THR C 6 -12.01 -14.17 -13.46
N VAL C 7 -11.10 -13.34 -13.95
CA VAL C 7 -9.74 -13.73 -14.22
C VAL C 7 -8.83 -12.68 -13.62
N ALA C 8 -7.64 -13.11 -13.24
CA ALA C 8 -6.66 -12.22 -12.64
C ALA C 8 -5.96 -11.35 -13.68
N ALA C 9 -5.62 -10.13 -13.28
CA ALA C 9 -4.95 -9.21 -14.17
C ALA C 9 -3.51 -9.67 -14.37
N TYR C 10 -2.95 -9.42 -15.55
CA TYR C 10 -1.58 -9.81 -15.82
C TYR C 10 -0.80 -8.70 -16.52
N ASN C 11 0.49 -8.93 -16.68
CA ASN C 11 1.37 -7.97 -17.33
C ASN C 11 1.29 -6.57 -16.73
N LEU C 12 1.32 -6.48 -15.41
CA LEU C 12 1.25 -5.19 -14.73
C LEU C 12 2.56 -4.48 -15.08
N THR C 13 2.43 -3.25 -15.59
CA THR C 13 3.61 -2.50 -15.98
C THR C 13 3.55 -1.07 -15.49
N TRP C 14 4.70 -0.54 -15.11
CA TRP C 14 4.75 0.84 -14.63
C TRP C 14 5.12 1.83 -15.78
N LYS C 15 4.26 2.83 -16.01
CA LYS C 15 4.43 3.87 -17.04
C LYS C 15 4.73 5.11 -16.22
N SER C 16 5.97 5.57 -16.24
CA SER C 16 6.33 6.73 -15.44
C SER C 16 7.31 7.72 -16.07
N THR C 17 6.92 9.00 -16.11
CA THR C 17 7.76 10.06 -16.69
C THR C 17 7.68 11.28 -15.79
N ASN C 18 8.82 11.76 -15.33
CA ASN C 18 8.89 12.92 -14.46
C ASN C 18 7.91 12.75 -13.28
N PHE C 19 7.89 11.51 -12.81
CA PHE C 19 7.06 11.07 -11.70
C PHE C 19 5.57 10.88 -11.90
N LYS C 20 5.08 11.17 -13.10
CA LYS C 20 3.66 10.98 -13.41
C LYS C 20 3.72 9.48 -13.64
N THR C 21 3.19 8.73 -12.67
CA THR C 21 3.21 7.28 -12.72
C THR C 21 1.86 6.60 -12.85
N ILE C 22 1.77 5.77 -13.86
CA ILE C 22 0.55 5.05 -14.14
C ILE C 22 0.79 3.55 -14.26
N LEU C 23 0.00 2.79 -13.50
CA LEU C 23 0.12 1.34 -13.55
C LEU C 23 -0.83 0.85 -14.64
N GLU C 24 -0.36 0.00 -15.54
CA GLU C 24 -1.22 -0.51 -16.60
C GLU C 24 -1.26 -2.03 -16.54
N TRP C 25 -2.36 -2.64 -16.98
CA TRP C 25 -2.47 -4.08 -16.95
C TRP C 25 -3.41 -4.61 -18.02
N GLU C 26 -3.47 -5.93 -18.09
CA GLU C 26 -4.31 -6.65 -19.01
C GLU C 26 -5.14 -7.55 -18.08
N PRO C 27 -6.31 -8.02 -18.54
CA PRO C 27 -6.94 -7.77 -19.85
C PRO C 27 -8.09 -6.77 -19.75
N LYS C 28 -8.78 -6.56 -20.86
CA LYS C 28 -9.93 -5.66 -20.91
C LYS C 28 -11.08 -6.43 -20.25
N PRO C 29 -11.54 -5.98 -19.08
CA PRO C 29 -12.62 -6.61 -18.32
C PRO C 29 -13.92 -7.00 -19.02
N VAL C 30 -14.38 -8.19 -18.67
CA VAL C 30 -15.61 -8.78 -19.19
C VAL C 30 -16.36 -9.30 -17.96
N ASN C 31 -17.35 -8.54 -17.53
CA ASN C 31 -18.15 -8.90 -16.37
C ASN C 31 -17.27 -8.92 -15.12
N GLN C 32 -16.35 -7.96 -15.03
CA GLN C 32 -15.43 -7.83 -13.89
C GLN C 32 -14.82 -6.43 -13.85
N VAL C 33 -14.62 -5.93 -12.64
CA VAL C 33 -14.07 -4.62 -12.44
C VAL C 33 -12.85 -4.76 -11.56
N TYR C 34 -12.05 -3.71 -11.48
CA TYR C 34 -10.84 -3.75 -10.66
C TYR C 34 -10.70 -2.65 -9.63
N THR C 35 -9.79 -2.89 -8.69
CA THR C 35 -9.49 -1.96 -7.63
C THR C 35 -7.97 -2.16 -7.43
N VAL C 36 -7.25 -1.06 -7.26
CA VAL C 36 -5.81 -1.14 -7.06
C VAL C 36 -5.43 -0.77 -5.65
N GLN C 37 -4.35 -1.37 -5.16
CA GLN C 37 -3.84 -1.10 -3.81
C GLN C 37 -2.33 -0.88 -4.01
N ILE C 38 -1.76 0.03 -3.23
CA ILE C 38 -0.32 0.30 -3.34
C ILE C 38 0.22 0.54 -1.95
N SER C 39 1.46 0.12 -1.72
CA SER C 39 2.11 0.29 -0.42
C SER C 39 3.63 0.28 -0.50
N THR C 40 4.27 0.78 0.55
CA THR C 40 5.74 0.77 0.58
C THR C 40 5.92 -0.58 1.32
N LYS C 41 7.13 -1.14 1.27
CA LYS C 41 7.39 -2.44 1.90
C LYS C 41 6.84 -2.65 3.32
N SER C 42 6.94 -1.64 4.16
CA SER C 42 6.43 -1.77 5.50
C SER C 42 5.15 -0.96 5.80
N GLY C 43 4.68 -0.18 4.85
CA GLY C 43 3.49 0.61 5.12
C GLY C 43 2.17 -0.10 4.86
N ASP C 44 1.08 0.57 5.20
CA ASP C 44 -0.27 0.04 4.99
C ASP C 44 -0.67 0.12 3.51
N TRP C 45 -1.67 -0.67 3.12
CA TRP C 45 -2.13 -0.67 1.75
C TRP C 45 -3.14 0.45 1.50
N LYS C 46 -2.95 1.17 0.40
CA LYS C 46 -3.87 2.27 0.06
C LYS C 46 -4.61 1.93 -1.23
N SER C 47 -5.93 2.00 -1.20
CA SER C 47 -6.71 1.69 -2.39
C SER C 47 -6.83 2.90 -3.34
N LYS C 48 -6.90 2.60 -4.62
CA LYS C 48 -7.02 3.63 -5.63
C LYS C 48 -7.83 3.03 -6.76
N CYS C 49 -8.38 3.91 -7.61
CA CYS C 49 -9.17 3.47 -8.77
C CYS C 49 -10.23 2.39 -8.44
N PHE C 50 -11.05 2.69 -7.44
CA PHE C 50 -12.12 1.81 -6.94
C PHE C 50 -13.17 1.31 -7.95
N TYR C 51 -13.19 -0.01 -8.15
CA TYR C 51 -14.09 -0.70 -9.05
C TYR C 51 -14.08 -0.08 -10.43
N THR C 52 -12.88 0.22 -10.94
CA THR C 52 -12.79 0.83 -12.26
C THR C 52 -12.83 -0.24 -13.31
N THR C 53 -13.24 0.12 -14.53
CA THR C 53 -13.27 -0.86 -15.63
C THR C 53 -12.05 -0.54 -16.50
N ASP C 54 -11.35 0.52 -16.14
CA ASP C 54 -10.14 0.94 -16.86
C ASP C 54 -9.13 -0.18 -16.63
N THR C 55 -8.05 -0.16 -17.42
CA THR C 55 -7.00 -1.17 -17.28
C THR C 55 -5.72 -0.38 -16.98
N GLU C 56 -5.87 0.70 -16.24
CA GLU C 56 -4.75 1.54 -15.85
C GLU C 56 -5.22 2.26 -14.61
N CYS C 57 -4.29 2.77 -13.84
CA CYS C 57 -4.63 3.47 -12.61
C CYS C 57 -3.50 4.43 -12.32
N ASP C 58 -3.86 5.70 -12.18
CA ASP C 58 -2.87 6.73 -11.90
C ASP C 58 -2.48 6.64 -10.42
N LEU C 59 -1.19 6.38 -10.16
CA LEU C 59 -0.68 6.26 -8.81
C LEU C 59 0.28 7.39 -8.44
N THR C 60 0.29 8.43 -9.26
CA THR C 60 1.14 9.59 -9.06
C THR C 60 1.06 10.20 -7.66
N ASP C 61 -0.15 10.57 -7.26
CA ASP C 61 -0.37 11.19 -5.97
C ASP C 61 0.15 10.37 -4.79
N GLU C 62 0.26 9.06 -4.93
CA GLU C 62 0.75 8.26 -3.84
C GLU C 62 2.30 8.23 -3.84
N ILE C 63 2.92 7.94 -4.99
CA ILE C 63 4.38 7.89 -5.05
C ILE C 63 5.17 9.18 -4.87
N VAL C 64 4.55 10.32 -5.19
CA VAL C 64 5.26 11.58 -5.02
C VAL C 64 5.33 11.96 -3.55
N LYS C 65 4.75 11.12 -2.71
CA LYS C 65 4.77 11.39 -1.27
C LYS C 65 6.21 11.12 -0.79
N ASP C 66 6.92 10.26 -1.54
CA ASP C 66 8.32 9.88 -1.26
C ASP C 66 8.85 9.08 -2.45
N VAL C 67 9.37 9.80 -3.44
CA VAL C 67 9.92 9.22 -4.64
C VAL C 67 11.06 8.24 -4.45
N LYS C 68 11.73 8.29 -3.29
CA LYS C 68 12.83 7.36 -3.08
C LYS C 68 12.39 6.02 -2.47
N GLN C 69 11.18 5.96 -1.96
CA GLN C 69 10.69 4.69 -1.39
C GLN C 69 10.43 3.66 -2.50
N THR C 70 10.27 2.41 -2.14
CA THR C 70 10.01 1.36 -3.11
C THR C 70 8.56 0.89 -2.90
N TYR C 71 7.75 1.07 -3.95
CA TYR C 71 6.33 0.72 -3.94
C TYR C 71 5.96 -0.56 -4.66
N LEU C 72 4.93 -1.23 -4.16
CA LEU C 72 4.46 -2.45 -4.78
C LEU C 72 2.97 -2.19 -4.91
N ALA C 73 2.37 -2.62 -6.02
CA ALA C 73 0.96 -2.41 -6.19
C ALA C 73 0.41 -3.78 -6.52
N ARG C 74 -0.89 -3.92 -6.47
CA ARG C 74 -1.51 -5.19 -6.79
C ARG C 74 -2.87 -4.82 -7.34
N VAL C 75 -3.35 -5.61 -8.28
CA VAL C 75 -4.64 -5.37 -8.92
C VAL C 75 -5.66 -6.46 -8.61
N PHE C 76 -6.77 -6.07 -7.97
CA PHE C 76 -7.82 -7.03 -7.62
C PHE C 76 -8.89 -7.07 -8.70
N SER C 77 -9.41 -8.26 -8.95
CA SER C 77 -10.45 -8.47 -9.94
C SER C 77 -11.72 -8.89 -9.17
N TYR C 78 -12.81 -8.16 -9.36
CA TYR C 78 -14.04 -8.50 -8.68
C TYR C 78 -15.09 -8.89 -9.70
N PRO C 79 -15.92 -9.89 -9.36
CA PRO C 79 -16.96 -10.32 -10.29
C PRO C 79 -18.02 -9.22 -10.28
N ALA C 80 -18.39 -8.74 -11.46
CA ALA C 80 -19.40 -7.67 -11.56
C ALA C 80 -20.64 -8.01 -10.73
N GLY C 81 -20.63 -7.56 -9.47
CA GLY C 81 -21.74 -7.78 -8.56
C GLY C 81 -22.20 -9.22 -8.39
N ASN C 82 -23.38 -9.50 -8.96
CA ASN C 82 -24.03 -10.82 -8.93
C ASN C 82 -23.17 -12.02 -9.31
N VAL C 83 -22.23 -11.83 -10.23
CA VAL C 83 -21.36 -12.91 -10.68
C VAL C 83 -20.44 -13.48 -9.60
N GLU C 84 -20.78 -13.24 -8.33
CA GLU C 84 -19.98 -13.75 -7.20
C GLU C 84 -19.64 -15.21 -7.45
N SER C 85 -18.45 -15.43 -8.01
CA SER C 85 -17.94 -16.76 -8.34
C SER C 85 -18.19 -17.84 -7.27
N THR C 86 -18.88 -18.91 -7.68
CA THR C 86 -19.22 -20.02 -6.78
C THR C 86 -18.06 -21.01 -6.61
N GLU C 91 -10.19 -15.00 -0.42
CA GLU C 91 -9.97 -13.55 -0.74
C GLU C 91 -10.09 -13.30 -2.26
N PRO C 92 -10.28 -12.04 -2.69
CA PRO C 92 -10.39 -11.84 -4.12
C PRO C 92 -9.15 -12.21 -4.92
N LEU C 93 -9.34 -12.43 -6.21
CA LEU C 93 -8.25 -12.79 -7.09
C LEU C 93 -7.48 -11.48 -7.28
N TYR C 94 -6.16 -11.57 -7.35
CA TYR C 94 -5.31 -10.42 -7.53
C TYR C 94 -3.94 -10.80 -8.07
N GLU C 95 -3.19 -9.79 -8.49
CA GLU C 95 -1.86 -10.02 -9.03
C GLU C 95 -0.97 -8.87 -8.58
N ASN C 96 0.26 -9.19 -8.18
CA ASN C 96 1.20 -8.19 -7.72
C ASN C 96 1.95 -7.60 -8.92
N SER C 97 2.35 -6.34 -8.79
CA SER C 97 3.08 -5.64 -9.84
C SER C 97 4.57 -5.75 -9.51
N PRO C 98 5.44 -5.37 -10.47
CA PRO C 98 6.86 -5.44 -10.13
C PRO C 98 7.11 -4.34 -9.09
N GLU C 99 8.19 -4.40 -8.34
CA GLU C 99 8.43 -3.33 -7.37
C GLU C 99 8.78 -2.10 -8.23
N PHE C 100 8.61 -0.90 -7.69
CA PHE C 100 8.92 0.33 -8.43
C PHE C 100 9.48 1.39 -7.50
N THR C 101 10.64 1.93 -7.84
CA THR C 101 11.27 2.96 -7.04
C THR C 101 11.37 4.17 -7.97
N PRO C 102 10.48 5.15 -7.79
CA PRO C 102 10.39 6.37 -8.60
C PRO C 102 11.72 7.03 -8.91
N TYR C 103 12.40 7.49 -7.86
CA TYR C 103 13.69 8.16 -8.01
C TYR C 103 14.68 7.42 -8.90
N LEU C 104 14.67 6.09 -8.86
CA LEU C 104 15.59 5.33 -9.68
C LEU C 104 15.06 4.84 -11.00
N GLU C 105 13.73 4.87 -11.17
CA GLU C 105 13.15 4.38 -12.42
C GLU C 105 12.31 5.28 -13.30
N THR C 106 11.79 6.38 -12.79
CA THR C 106 10.97 7.24 -13.62
C THR C 106 11.75 7.75 -14.83
N ASN C 107 11.08 7.79 -15.98
CA ASN C 107 11.68 8.27 -17.23
C ASN C 107 11.97 9.76 -17.09
N LEU C 108 13.07 10.22 -17.66
CA LEU C 108 13.41 11.64 -17.59
C LEU C 108 12.66 12.26 -18.78
N GLY C 109 11.90 13.31 -18.54
CA GLY C 109 11.12 13.91 -19.62
C GLY C 109 11.89 14.62 -20.71
N GLN C 110 11.22 14.92 -21.82
CA GLN C 110 11.88 15.63 -22.92
C GLN C 110 12.16 17.07 -22.51
N PRO C 111 13.42 17.49 -22.61
CA PRO C 111 13.80 18.84 -22.25
C PRO C 111 13.47 19.83 -23.35
N THR C 112 13.58 21.10 -23.03
CA THR C 112 13.31 22.17 -23.96
C THR C 112 14.38 23.25 -23.85
N ILE C 113 14.97 23.62 -24.98
CA ILE C 113 16.00 24.65 -24.95
C ILE C 113 15.21 25.94 -24.76
N GLN C 114 15.47 26.64 -23.67
CA GLN C 114 14.79 27.87 -23.37
C GLN C 114 15.29 29.00 -24.24
N SER C 115 16.61 29.05 -24.43
CA SER C 115 17.21 30.09 -25.25
C SER C 115 18.71 29.95 -25.40
N PHE C 116 19.26 30.74 -26.31
CA PHE C 116 20.68 30.73 -26.54
C PHE C 116 21.10 32.15 -26.89
N GLU C 117 22.11 32.64 -26.18
CA GLU C 117 22.59 33.99 -26.42
C GLU C 117 24.06 34.05 -26.79
N GLN C 118 24.32 34.80 -27.85
CA GLN C 118 25.67 34.97 -28.35
C GLN C 118 26.37 36.01 -27.49
N VAL C 119 27.60 35.69 -27.13
CA VAL C 119 28.40 36.58 -26.30
C VAL C 119 29.81 36.62 -26.88
N GLY C 120 29.97 37.44 -27.91
CA GLY C 120 31.26 37.57 -28.58
C GLY C 120 31.59 36.29 -29.32
N THR C 121 32.53 35.53 -28.78
CA THR C 121 32.97 34.29 -29.40
C THR C 121 32.45 33.08 -28.62
N LYS C 122 31.65 33.34 -27.60
CA LYS C 122 31.10 32.27 -26.78
C LYS C 122 29.58 32.29 -26.88
N VAL C 123 28.96 31.14 -26.61
CA VAL C 123 27.53 31.01 -26.66
C VAL C 123 26.98 30.32 -25.40
N ASN C 124 25.93 30.89 -24.85
CA ASN C 124 25.32 30.33 -23.65
C ASN C 124 24.02 29.69 -24.10
N VAL C 125 23.78 28.47 -23.65
CA VAL C 125 22.57 27.74 -24.00
C VAL C 125 21.84 27.41 -22.69
N THR C 126 20.59 27.87 -22.57
CA THR C 126 19.84 27.61 -21.36
C THR C 126 18.71 26.60 -21.53
N VAL C 127 18.68 25.63 -20.64
CA VAL C 127 17.66 24.58 -20.66
C VAL C 127 16.57 25.03 -19.68
N GLU C 128 15.32 24.99 -20.12
CA GLU C 128 14.20 25.39 -19.27
C GLU C 128 14.07 24.27 -18.26
N ASP C 129 13.95 24.54 -16.96
CA ASP C 129 13.84 23.34 -16.12
C ASP C 129 12.51 22.67 -16.39
N GLU C 130 12.53 21.35 -16.29
CA GLU C 130 11.36 20.55 -16.52
C GLU C 130 10.52 20.43 -15.24
N ARG C 131 9.23 20.66 -15.39
CA ARG C 131 8.30 20.57 -14.27
C ARG C 131 8.09 19.07 -14.05
N THR C 132 7.97 18.64 -12.79
CA THR C 132 7.76 17.23 -12.49
C THR C 132 6.43 17.16 -11.74
N LEU C 133 5.93 15.96 -11.48
CA LEU C 133 4.67 15.81 -10.77
C LEU C 133 4.80 15.97 -9.26
N VAL C 134 6.04 16.08 -8.78
CA VAL C 134 6.30 16.25 -7.35
C VAL C 134 5.91 17.67 -6.97
N ARG C 135 5.16 17.85 -5.89
CA ARG C 135 4.76 19.19 -5.49
C ARG C 135 5.39 19.68 -4.18
N ARG C 136 5.55 20.99 -4.07
CA ARG C 136 6.12 21.61 -2.88
C ARG C 136 5.20 22.74 -2.46
N ASN C 137 4.06 22.38 -1.90
CA ASN C 137 3.09 23.37 -1.44
C ASN C 137 2.68 24.39 -2.52
N ASN C 138 1.74 23.97 -3.37
CA ASN C 138 1.21 24.81 -4.44
C ASN C 138 1.98 24.85 -5.76
N THR C 139 3.25 24.46 -5.76
CA THR C 139 4.02 24.48 -7.00
C THR C 139 4.61 23.14 -7.36
N PHE C 140 4.97 23.00 -8.63
CA PHE C 140 5.55 21.77 -9.13
C PHE C 140 7.07 21.90 -9.11
N LEU C 141 7.73 20.92 -8.49
CA LEU C 141 9.17 20.92 -8.40
C LEU C 141 9.76 20.57 -9.76
N SER C 142 10.96 21.09 -10.03
CA SER C 142 11.63 20.84 -11.27
C SER C 142 12.48 19.58 -11.15
N LEU C 143 12.95 19.07 -12.29
CA LEU C 143 13.77 17.88 -12.29
C LEU C 143 15.01 18.18 -11.40
N ARG C 144 15.60 19.36 -11.54
CA ARG C 144 16.76 19.70 -10.72
C ARG C 144 16.42 19.77 -9.22
N ASP C 145 15.24 20.30 -8.89
CA ASP C 145 14.83 20.41 -7.49
C ASP C 145 14.82 19.01 -6.88
N VAL C 146 14.36 18.05 -7.65
CA VAL C 146 14.28 16.68 -7.19
C VAL C 146 15.58 15.88 -7.19
N PHE C 147 16.32 15.94 -8.28
CA PHE C 147 17.57 15.20 -8.39
C PHE C 147 18.84 15.91 -7.92
N GLY C 148 18.80 17.23 -7.89
CA GLY C 148 19.96 17.98 -7.50
C GLY C 148 21.17 17.54 -8.32
N LYS C 149 22.30 17.46 -7.65
CA LYS C 149 23.53 17.07 -8.32
C LYS C 149 23.43 15.75 -9.08
N ASP C 150 22.46 14.90 -8.76
CA ASP C 150 22.34 13.64 -9.48
C ASP C 150 21.96 13.90 -10.95
N LEU C 151 21.45 15.09 -11.21
CA LEU C 151 21.06 15.44 -12.58
C LEU C 151 22.01 16.36 -13.33
N ILE C 152 22.27 16.01 -14.58
CA ILE C 152 23.14 16.82 -15.45
C ILE C 152 22.39 16.92 -16.77
N TYR C 153 22.76 17.90 -17.59
CA TYR C 153 22.13 18.09 -18.89
C TYR C 153 23.26 18.05 -19.88
N THR C 154 23.01 17.40 -21.01
CA THR C 154 24.02 17.28 -22.04
C THR C 154 23.56 18.03 -23.26
N LEU C 155 24.53 18.65 -23.94
CA LEU C 155 24.26 19.41 -25.13
C LEU C 155 25.04 18.94 -26.34
N TYR C 156 24.33 18.85 -27.45
CA TYR C 156 24.91 18.43 -28.72
C TYR C 156 24.85 19.69 -29.58
N TYR C 157 25.98 20.09 -30.13
CA TYR C 157 26.00 21.27 -30.98
C TYR C 157 26.91 21.02 -32.16
N TRP C 158 26.50 21.55 -33.31
CA TRP C 158 27.28 21.38 -34.52
C TRP C 158 27.14 22.64 -35.36
N LYS C 159 28.14 22.85 -36.20
CA LYS C 159 28.20 24.00 -37.10
C LYS C 159 27.31 23.83 -38.33
N SER C 160 27.91 23.27 -39.37
CA SER C 160 27.26 23.02 -40.67
C SER C 160 28.42 22.64 -41.56
N SER C 161 29.56 23.27 -41.30
CA SER C 161 30.79 23.04 -42.03
C SER C 161 31.54 22.02 -41.18
N SER C 162 30.93 21.71 -40.04
CA SER C 162 31.49 20.76 -39.09
C SER C 162 31.29 19.35 -39.59
N SER C 163 32.08 18.42 -39.04
CA SER C 163 32.00 17.03 -39.44
C SER C 163 31.95 16.07 -38.26
N GLY C 164 30.98 16.21 -37.38
CA GLY C 164 30.91 15.29 -36.25
C GLY C 164 30.00 15.67 -35.11
N LYS C 165 29.88 16.97 -34.84
CA LYS C 165 29.04 17.46 -33.75
C LYS C 165 29.69 17.17 -32.40
N LYS C 166 29.88 18.23 -31.62
CA LYS C 166 30.47 18.13 -30.29
C LYS C 166 29.42 18.10 -29.18
N THR C 167 29.87 17.79 -27.97
CA THR C 167 28.96 17.74 -26.83
C THR C 167 29.56 18.49 -25.64
N ALA C 168 28.68 19.02 -24.80
CA ALA C 168 29.10 19.76 -23.62
C ALA C 168 28.20 19.18 -22.52
N LYS C 169 28.59 19.39 -21.27
CA LYS C 169 27.81 18.88 -20.14
C LYS C 169 27.77 19.88 -19.02
N THR C 170 26.66 19.92 -18.29
CA THR C 170 26.54 20.87 -17.17
C THR C 170 25.83 20.35 -15.94
N ASN C 171 26.21 20.88 -14.80
CA ASN C 171 25.63 20.51 -13.51
C ASN C 171 24.46 21.45 -13.20
N THR C 172 24.22 22.42 -14.08
CA THR C 172 23.12 23.38 -13.88
C THR C 172 22.21 23.21 -15.11
N ASN C 173 21.51 24.27 -15.51
CA ASN C 173 20.65 24.18 -16.69
C ASN C 173 21.19 25.12 -17.75
N GLU C 174 22.50 25.39 -17.67
CA GLU C 174 23.11 26.29 -18.64
C GLU C 174 24.49 25.82 -19.12
N PHE C 175 24.73 26.01 -20.42
CA PHE C 175 26.00 25.63 -21.03
C PHE C 175 26.66 26.92 -21.54
N LEU C 176 27.98 26.97 -21.51
CA LEU C 176 28.74 28.12 -21.98
C LEU C 176 29.80 27.51 -22.87
N ILE C 177 29.50 27.43 -24.17
CA ILE C 177 30.46 26.84 -25.09
C ILE C 177 31.30 27.80 -25.92
N ASP C 178 32.40 27.30 -26.46
CA ASP C 178 33.30 28.12 -27.28
C ASP C 178 32.90 27.88 -28.74
N VAL C 179 32.58 28.94 -29.49
CA VAL C 179 32.18 28.76 -30.88
C VAL C 179 33.02 29.57 -31.87
N ASP C 180 32.96 29.16 -33.14
CA ASP C 180 33.72 29.86 -34.18
C ASP C 180 32.99 31.08 -34.71
N LYS C 181 33.67 32.22 -34.65
CA LYS C 181 33.12 33.48 -35.13
C LYS C 181 32.43 33.30 -36.48
N GLY C 182 31.28 33.95 -36.65
CA GLY C 182 30.57 33.86 -37.90
C GLY C 182 29.58 32.70 -38.03
N GLU C 183 30.10 31.48 -38.11
CA GLU C 183 29.29 30.26 -38.25
C GLU C 183 28.02 30.19 -37.41
N ASN C 184 27.01 29.53 -37.96
CA ASN C 184 25.71 29.35 -37.29
C ASN C 184 25.68 27.94 -36.72
N TYR C 185 25.36 27.82 -35.44
CA TYR C 185 25.31 26.50 -34.80
C TYR C 185 23.89 26.00 -34.52
N CYS C 186 23.81 24.70 -34.27
CA CYS C 186 22.54 24.02 -33.97
C CYS C 186 22.72 23.29 -32.64
N PHE C 187 21.68 23.27 -31.82
CA PHE C 187 21.73 22.61 -30.51
C PHE C 187 20.59 21.64 -30.16
N SER C 188 20.91 20.72 -29.25
CA SER C 188 19.96 19.72 -28.78
C SER C 188 20.43 19.29 -27.39
N VAL C 189 19.51 19.27 -26.43
CA VAL C 189 19.87 18.89 -25.08
C VAL C 189 19.22 17.59 -24.58
N GLN C 190 19.87 16.99 -23.59
CA GLN C 190 19.39 15.74 -23.02
C GLN C 190 19.57 15.69 -21.51
N ALA C 191 18.54 15.21 -20.81
CA ALA C 191 18.61 15.11 -19.35
C ALA C 191 19.31 13.79 -19.10
N VAL C 192 20.15 13.74 -18.08
CA VAL C 192 20.86 12.51 -17.77
C VAL C 192 21.13 12.37 -16.28
N ILE C 193 21.04 11.15 -15.79
CA ILE C 193 21.29 10.83 -14.39
C ILE C 193 22.41 9.83 -14.61
N PRO C 194 23.66 10.32 -14.61
CA PRO C 194 24.83 9.45 -14.82
C PRO C 194 24.90 8.20 -13.95
N SER C 195 24.50 8.33 -12.69
CA SER C 195 24.52 7.20 -11.77
C SER C 195 23.53 6.08 -12.06
N ARG C 196 22.85 6.15 -13.20
CA ARG C 196 21.88 5.12 -13.55
C ARG C 196 22.55 4.24 -14.60
N THR C 197 22.10 2.99 -14.68
CA THR C 197 22.62 2.01 -15.64
C THR C 197 21.61 1.90 -16.77
N VAL C 198 20.33 1.83 -16.40
CA VAL C 198 19.27 1.73 -17.38
C VAL C 198 18.43 3.00 -17.29
N ASN C 199 17.82 3.38 -18.40
CA ASN C 199 16.99 4.58 -18.43
C ASN C 199 17.76 5.79 -17.89
N ARG C 200 19.06 5.85 -18.16
CA ARG C 200 19.80 7.00 -17.64
C ARG C 200 19.66 8.30 -18.41
N LYS C 201 19.03 8.28 -19.58
CA LYS C 201 18.86 9.50 -20.37
C LYS C 201 17.45 9.76 -20.94
N SER C 202 17.09 11.04 -21.04
CA SER C 202 15.79 11.45 -21.57
C SER C 202 15.85 11.40 -23.09
N THR C 203 14.74 11.71 -23.75
CA THR C 203 14.71 11.70 -25.20
C THR C 203 15.37 13.06 -25.50
N ASP C 204 15.88 13.28 -26.71
CA ASP C 204 16.52 14.57 -27.02
C ASP C 204 15.48 15.65 -27.24
N SER C 205 15.84 16.89 -26.92
CA SER C 205 14.95 18.03 -27.07
C SER C 205 14.84 18.46 -28.53
N PRO C 206 13.79 19.24 -28.86
CA PRO C 206 13.67 19.67 -30.26
C PRO C 206 14.95 20.44 -30.62
N VAL C 207 15.40 20.32 -31.85
CA VAL C 207 16.60 21.02 -32.27
C VAL C 207 16.34 22.49 -32.51
N GLU C 208 17.30 23.33 -32.10
CA GLU C 208 17.20 24.77 -32.27
C GLU C 208 18.53 25.22 -32.88
N CYS C 209 18.45 26.16 -33.82
CA CYS C 209 19.65 26.67 -34.47
C CYS C 209 19.59 28.18 -34.53
N MET C 210 20.76 28.81 -34.62
CA MET C 210 20.81 30.26 -34.71
C MET C 210 20.64 30.55 -36.21
N GLY C 211 19.70 31.43 -36.55
CA GLY C 211 19.48 31.76 -37.94
C GLY C 211 19.69 33.22 -38.29
CA CA D . 5.83 14.66 -29.05
MG MG E . 10.24 32.56 -38.02
CA CA F . 1.87 -11.63 38.50
C3 PY3 G . 3.64 -26.66 16.50
C4 PY3 G . 3.43 -27.50 15.39
C5 PY3 G . 4.05 -28.76 15.34
C1 PY3 G . 5.08 -28.40 17.44
C2 PY3 G . 4.49 -27.13 17.54
N6 PY3 G . 4.85 -29.17 16.35
N7 PY3 G . 3.02 -25.40 16.51
C8 PY3 G . 3.07 -24.48 17.47
C9 PY3 G . 2.41 -23.18 17.31
O10 PY3 G . 3.64 -24.62 18.53
C11 PY3 G . 1.30 -22.78 18.07
C12 PY3 G . 0.78 -21.46 17.82
C13 PY3 G . 1.35 -20.59 16.86
C14 PY3 G . 2.47 -21.02 16.10
C15 PY3 G . 2.99 -22.32 16.32
C16 PY3 G . 3.06 -20.13 15.08
N17 PY3 G . 2.45 -18.97 14.75
N18 PY3 G . 4.18 -20.44 14.49
C19 PY3 G . 0.58 -23.57 19.12
N20 PY3 G . -0.62 -24.21 18.47
C21 PY3 G . -0.60 -25.46 18.01
C22 PY3 G . -1.71 -25.85 17.06
N23 PY3 G . -1.44 -26.96 16.14
O24 PY3 G . 0.29 -26.24 18.29
C25 PY3 G . -0.46 -26.74 15.16
C26 PY3 G . -0.19 -27.77 14.13
N27 PY3 G . -0.89 -28.88 14.17
C28 PY3 G . -1.85 -29.13 15.15
C29 PY3 G . -2.12 -28.22 16.12
C30 PY3 G . -3.09 -28.57 17.18
N31 PY3 G . 0.76 -27.56 13.15
C32 PY3 G . 0.92 -28.39 11.95
C33 PY3 G . 1.48 -27.50 10.81
C34 PY3 G . 1.86 -29.57 12.30
C35 PY3 G . -4.46 -28.78 16.86
C36 PY3 G . -5.39 -29.09 17.90
C37 PY3 G . -4.93 -29.16 19.24
C38 PY3 G . -3.59 -28.94 19.59
C39 PY3 G . -2.66 -28.64 18.54
N40 PY3 G . -6.74 -29.31 17.62
C41 PY3 G . -3.17 -28.99 21.00
N42 PY3 G . -4.02 -28.62 22.00
C43 PY3 G . -3.75 -28.62 23.47
C44 PY3 G . -3.93 -27.20 24.06
C45 PY3 G . -2.64 -26.54 24.62
O46 PY3 G . -2.05 -29.38 21.25
C47 PY3 G . -4.70 -29.64 24.13
O48 PY3 G . 0.20 -25.68 15.10
#